data_5DZX
#
_entry.id   5DZX
#
_cell.length_a   49.040
_cell.length_b   90.530
_cell.length_c   258.130
_cell.angle_alpha   90.00
_cell.angle_beta   90.00
_cell.angle_gamma   90.00
#
_symmetry.space_group_name_H-M   'P 21 21 21'
#
loop_
_entity.id
_entity.type
_entity.pdbx_description
1 polymer 'Protocadherin beta 6'
2 branched alpha-D-mannopyranose-(1-6)-beta-D-mannopyranose-(1-4)-2-acetamido-2-deoxy-beta-D-glucopyranose-(1-4)-[alpha-L-fucopyranose-(1-6)]2-acetamido-2-deoxy-beta-D-glucopyranose
3 branched 2-acetamido-2-deoxy-beta-D-glucopyranose-(1-4)-2-acetamido-2-deoxy-beta-D-glucopyranose
4 non-polymer alpha-D-mannopyranose
5 non-polymer 'CALCIUM ION'
6 water water
#
_entity_poly.entity_id   1
_entity_poly.type   'polypeptide(L)'
_entity_poly.pdbx_seq_one_letter_code
;EAIRYSIPEETESGYLVAHLAKDLGFRVGELATRRARIHHRGNKELLQLDVETGNLLLKEKPDREALCGATEPCVLHFQI
ILENPVQFFQTELQLTDINDHSPEFPDTEMLLKIQESTQPATVFLLKAAQDSDIGSNAVQNYTVSPNLHFHVVTLSRSDG
RKYPELVLDRALDREEQPELTLILTALDGGAPPKSGTTTVRIEVVDINDNAPEFVQSLYSVEVPENSPLDALVVTVSARD
LDAGIHGNVAYSLFQGGGGPQPFVIDEITGEIRLKGALDFEATSYYTMEIVATDSGGLSGKCTVAIQVLDVNDNAPKLTI
SSLTSSIPENAPEAVVAVFSVSDPDSGDNGRMVCSIQNELPFLLKPTFENYYTLAAEGPLDREIREEYNITIIVSDLGTP
RLTTQHTITVQVVDINDHHHHHHHH
;
_entity_poly.pdbx_strand_id   A,B
#
loop_
_chem_comp.id
_chem_comp.type
_chem_comp.name
_chem_comp.formula
BMA D-saccharide, beta linking beta-D-mannopyranose 'C6 H12 O6'
CA non-polymer 'CALCIUM ION' 'Ca 2'
FUC L-saccharide, alpha linking alpha-L-fucopyranose 'C6 H12 O5'
MAN D-saccharide, alpha linking alpha-D-mannopyranose 'C6 H12 O6'
NAG D-saccharide, beta linking 2-acetamido-2-deoxy-beta-D-glucopyranose 'C8 H15 N O6'
#
# COMPACT_ATOMS: atom_id res chain seq x y z
N ILE A 3 54.88 -15.81 -37.76
CA ILE A 3 55.64 -14.66 -37.33
C ILE A 3 54.72 -13.54 -36.85
N ARG A 4 54.70 -13.31 -35.53
CA ARG A 4 53.83 -12.28 -34.96
C ARG A 4 54.61 -11.21 -34.21
N TYR A 5 54.32 -9.95 -34.52
CA TYR A 5 54.93 -8.83 -33.81
C TYR A 5 53.88 -8.04 -33.04
N SER A 6 54.27 -7.53 -31.87
CA SER A 6 53.34 -6.79 -31.02
C SER A 6 53.74 -5.32 -30.85
N ILE A 7 52.76 -4.44 -31.04
CA ILE A 7 52.92 -3.01 -30.81
C ILE A 7 51.68 -2.45 -30.12
N PRO A 8 51.85 -1.44 -29.25
CA PRO A 8 50.71 -0.84 -28.55
C PRO A 8 49.78 -0.09 -29.49
N GLU A 9 48.53 0.06 -29.07
CA GLU A 9 47.53 0.80 -29.83
C GLU A 9 47.89 2.28 -29.89
N GLU A 10 47.46 2.94 -30.97
CA GLU A 10 47.60 4.39 -31.14
C GLU A 10 49.07 4.84 -31.14
N THR A 11 49.95 3.96 -31.58
CA THR A 11 51.36 4.30 -31.75
C THR A 11 51.51 5.22 -32.95
N GLU A 12 52.33 6.26 -32.81
CA GLU A 12 52.49 7.26 -33.85
C GLU A 12 52.96 6.66 -35.18
N SER A 13 52.46 7.20 -36.27
CA SER A 13 52.82 6.72 -37.61
C SER A 13 54.30 6.95 -37.87
N GLY A 14 54.90 6.06 -38.65
CA GLY A 14 56.30 6.17 -39.02
C GLY A 14 57.24 5.45 -38.06
N TYR A 15 56.71 4.95 -36.96
CA TYR A 15 57.50 4.22 -35.99
C TYR A 15 57.90 2.85 -36.52
N LEU A 16 59.08 2.38 -36.13
CA LEU A 16 59.58 1.11 -36.61
C LEU A 16 58.98 -0.06 -35.82
N VAL A 17 58.33 -0.96 -36.53
CA VAL A 17 57.72 -2.14 -35.91
C VAL A 17 58.76 -3.24 -35.66
N ALA A 18 59.44 -3.68 -36.70
CA ALA A 18 60.38 -4.80 -36.54
C ALA A 18 61.36 -4.96 -37.69
N HIS A 19 62.37 -5.82 -37.49
CA HIS A 19 63.33 -6.15 -38.54
C HIS A 19 62.94 -7.46 -39.21
N LEU A 20 62.24 -7.36 -40.34
CA LEU A 20 61.74 -8.54 -41.04
C LEU A 20 62.86 -9.39 -41.61
N ALA A 21 63.85 -8.71 -42.21
CA ALA A 21 64.95 -9.39 -42.89
C ALA A 21 65.70 -10.32 -41.95
N LYS A 22 65.97 -9.84 -40.75
CA LYS A 22 66.68 -10.64 -39.75
C LYS A 22 65.92 -11.90 -39.40
N ASP A 23 64.63 -11.74 -39.10
CA ASP A 23 63.81 -12.83 -38.60
C ASP A 23 63.47 -13.87 -39.67
N LEU A 24 63.23 -13.42 -40.90
CA LEU A 24 62.87 -14.33 -41.97
C LEU A 24 64.07 -15.15 -42.44
N GLY A 25 65.25 -14.55 -42.40
CA GLY A 25 66.49 -15.28 -42.62
C GLY A 25 67.17 -15.05 -43.94
N PHE A 26 67.04 -13.85 -44.49
CA PHE A 26 67.79 -13.50 -45.70
C PHE A 26 68.25 -12.05 -45.71
N ARG A 27 69.23 -11.76 -46.56
CA ARG A 27 69.88 -10.46 -46.62
C ARG A 27 69.00 -9.39 -47.29
N VAL A 28 69.28 -8.13 -46.95
CA VAL A 28 68.52 -7.00 -47.49
C VAL A 28 68.60 -6.92 -49.01
N GLY A 29 69.74 -7.32 -49.57
CA GLY A 29 69.93 -7.31 -51.00
C GLY A 29 68.93 -8.16 -51.76
N GLU A 30 68.55 -9.29 -51.16
CA GLU A 30 67.55 -10.18 -51.76
C GLU A 30 66.19 -9.49 -51.82
N LEU A 31 65.85 -8.79 -50.74
CA LEU A 31 64.59 -8.05 -50.65
C LEU A 31 64.56 -6.91 -51.67
N ALA A 32 65.69 -6.23 -51.82
CA ALA A 32 65.79 -5.14 -52.76
C ALA A 32 65.68 -5.65 -54.20
N THR A 33 66.34 -6.76 -54.48
CA THR A 33 66.37 -7.33 -55.82
C THR A 33 65.01 -7.87 -56.26
N ARG A 34 64.32 -8.58 -55.36
CA ARG A 34 63.04 -9.19 -55.71
C ARG A 34 61.87 -8.23 -55.64
N ARG A 35 62.16 -6.95 -55.39
CA ARG A 35 61.13 -5.92 -55.28
C ARG A 35 60.07 -6.34 -54.27
N ALA A 36 60.53 -6.69 -53.06
CA ALA A 36 59.67 -7.16 -52.00
C ALA A 36 58.62 -6.13 -51.65
N ARG A 37 57.37 -6.56 -51.60
CA ARG A 37 56.30 -5.64 -51.24
C ARG A 37 55.35 -6.27 -50.21
N ILE A 38 54.98 -5.50 -49.20
CA ILE A 38 54.10 -6.01 -48.14
C ILE A 38 52.65 -5.69 -48.45
N HIS A 39 51.77 -6.67 -48.26
CA HIS A 39 50.37 -6.48 -48.61
C HIS A 39 49.42 -6.88 -47.48
N HIS A 40 48.58 -5.94 -47.05
CA HIS A 40 47.46 -6.29 -46.18
C HIS A 40 46.37 -6.87 -47.07
N ARG A 41 45.82 -8.01 -46.69
CA ARG A 41 44.95 -8.77 -47.58
C ARG A 41 43.68 -8.00 -47.94
N GLY A 42 43.09 -7.32 -46.97
CA GLY A 42 41.83 -6.64 -47.21
C GLY A 42 41.85 -5.12 -47.13
N ASN A 43 41.63 -4.59 -45.92
CA ASN A 43 41.45 -3.14 -45.73
C ASN A 43 42.74 -2.34 -45.89
N LYS A 44 42.70 -1.09 -45.42
CA LYS A 44 43.86 -0.20 -45.48
C LYS A 44 45.06 -0.81 -44.76
N GLU A 45 46.26 -0.53 -45.25
CA GLU A 45 47.47 -1.15 -44.73
C GLU A 45 48.18 -0.23 -43.74
N LEU A 46 48.37 -0.74 -42.52
CA LEU A 46 49.10 0.01 -41.50
C LEU A 46 50.60 -0.10 -41.69
N LEU A 47 51.06 -1.21 -42.27
CA LEU A 47 52.49 -1.46 -42.37
C LEU A 47 53.09 -1.16 -43.74
N GLN A 48 54.32 -0.67 -43.73
CA GLN A 48 55.13 -0.47 -44.92
C GLN A 48 56.49 -1.15 -44.72
N LEU A 49 56.95 -1.80 -45.77
CA LEU A 49 58.23 -2.51 -45.75
C LEU A 49 59.32 -1.76 -46.51
N ASP A 50 60.21 -1.10 -45.76
CA ASP A 50 61.36 -0.42 -46.35
C ASP A 50 62.41 -1.44 -46.76
N VAL A 51 62.53 -1.68 -48.06
CA VAL A 51 63.44 -2.67 -48.60
C VAL A 51 64.89 -2.18 -48.63
N GLU A 52 65.07 -0.88 -48.45
CA GLU A 52 66.41 -0.32 -48.42
C GLU A 52 67.15 -0.71 -47.15
N THR A 53 66.38 -0.98 -46.08
CA THR A 53 66.95 -1.39 -44.80
C THR A 53 66.41 -2.74 -44.36
N GLY A 54 65.36 -3.21 -45.03
CA GLY A 54 64.75 -4.47 -44.68
C GLY A 54 63.88 -4.33 -43.44
N ASN A 55 63.46 -3.09 -43.18
CA ASN A 55 62.68 -2.82 -41.97
C ASN A 55 61.18 -2.78 -42.21
N LEU A 56 60.43 -2.98 -41.13
CA LEU A 56 58.97 -2.94 -41.15
C LEU A 56 58.48 -1.84 -40.21
N LEU A 57 57.74 -0.88 -40.77
CA LEU A 57 57.32 0.31 -40.04
C LEU A 57 55.84 0.63 -40.23
N LEU A 58 55.28 1.46 -39.36
CA LEU A 58 53.86 1.84 -39.47
C LEU A 58 53.62 2.85 -40.60
N LYS A 59 52.42 2.82 -41.15
CA LYS A 59 52.00 3.80 -42.15
C LYS A 59 50.89 4.69 -41.58
N GLU A 60 50.11 4.13 -40.65
CA GLU A 60 48.97 4.82 -40.06
C GLU A 60 48.87 4.50 -38.57
N LYS A 61 48.22 5.39 -37.82
CA LYS A 61 48.02 5.18 -36.39
C LYS A 61 46.93 4.15 -36.14
N PRO A 62 47.29 3.03 -35.49
CA PRO A 62 46.36 1.91 -35.30
C PRO A 62 45.42 2.11 -34.11
N ASP A 63 44.12 2.03 -34.38
CA ASP A 63 43.11 2.13 -33.33
C ASP A 63 42.48 0.77 -33.08
N ARG A 64 42.73 0.22 -31.89
CA ARG A 64 42.25 -1.11 -31.53
C ARG A 64 40.73 -1.18 -31.59
N GLU A 65 40.06 -0.23 -30.96
CA GLU A 65 38.61 -0.23 -30.83
C GLU A 65 37.88 -0.07 -32.16
N ALA A 66 38.63 0.32 -33.20
CA ALA A 66 38.03 0.56 -34.50
C ALA A 66 38.43 -0.49 -35.52
N LEU A 67 39.43 -1.31 -35.18
CA LEU A 67 39.94 -2.32 -36.09
C LEU A 67 39.62 -3.73 -35.59
N CYS A 68 39.40 -3.85 -34.28
CA CYS A 68 39.07 -5.14 -33.67
C CYS A 68 37.83 -5.05 -32.80
N GLY A 69 37.74 -3.96 -32.03
CA GLY A 69 36.61 -3.76 -31.14
C GLY A 69 36.65 -4.65 -29.92
N ALA A 70 35.63 -5.50 -29.78
CA ALA A 70 35.50 -6.38 -28.62
C ALA A 70 36.43 -7.57 -28.72
N THR A 71 36.64 -8.07 -29.94
CA THR A 71 37.43 -9.26 -30.16
C THR A 71 38.88 -9.10 -29.71
N GLU A 72 39.39 -10.09 -28.98
CA GLU A 72 40.75 -10.05 -28.47
C GLU A 72 41.39 -11.44 -28.52
N PRO A 73 42.70 -11.51 -28.80
CA PRO A 73 43.63 -10.42 -29.09
C PRO A 73 43.46 -9.82 -30.49
N CYS A 74 43.82 -8.55 -30.64
CA CYS A 74 43.71 -7.87 -31.92
C CYS A 74 44.87 -8.24 -32.85
N VAL A 75 44.61 -9.15 -33.79
CA VAL A 75 45.66 -9.60 -34.71
C VAL A 75 45.31 -9.32 -36.17
N LEU A 76 46.22 -8.67 -36.87
CA LEU A 76 46.03 -8.38 -38.29
C LEU A 76 46.92 -9.27 -39.15
N HIS A 77 46.36 -9.77 -40.26
CA HIS A 77 47.05 -10.72 -41.11
C HIS A 77 47.59 -10.11 -42.40
N PHE A 78 48.90 -10.18 -42.56
CA PHE A 78 49.57 -9.63 -43.72
C PHE A 78 50.29 -10.71 -44.53
N GLN A 79 50.32 -10.51 -45.83
CA GLN A 79 51.09 -11.37 -46.72
C GLN A 79 52.12 -10.53 -47.44
N ILE A 80 53.39 -10.82 -47.20
CA ILE A 80 54.47 -10.15 -47.92
C ILE A 80 54.85 -10.98 -49.13
N ILE A 81 55.10 -10.29 -50.23
CA ILE A 81 55.33 -10.94 -51.51
C ILE A 81 56.70 -10.60 -52.11
N LEU A 82 57.28 -11.61 -52.74
CA LEU A 82 58.51 -11.49 -53.49
C LEU A 82 58.20 -11.78 -54.95
N GLU A 83 58.63 -10.91 -55.85
CA GLU A 83 58.22 -10.99 -57.25
C GLU A 83 58.88 -12.15 -58.00
N ASN A 84 60.21 -12.17 -58.02
CA ASN A 84 60.92 -13.16 -58.82
C ASN A 84 62.01 -13.88 -58.04
N PRO A 85 61.77 -15.18 -57.73
CA PRO A 85 60.53 -15.90 -58.04
C PRO A 85 59.38 -15.52 -57.10
N VAL A 86 58.15 -15.81 -57.50
CA VAL A 86 56.98 -15.50 -56.68
C VAL A 86 56.99 -16.27 -55.35
N GLN A 87 57.00 -15.52 -54.25
CA GLN A 87 57.00 -16.18 -52.94
C GLN A 87 56.18 -15.40 -51.91
N PHE A 88 55.46 -16.13 -51.07
CA PHE A 88 54.61 -15.51 -50.06
C PHE A 88 55.08 -15.86 -48.65
N PHE A 89 55.17 -14.85 -47.80
CA PHE A 89 55.41 -15.08 -46.37
C PHE A 89 54.32 -14.41 -45.56
N GLN A 90 53.76 -15.14 -44.60
CA GLN A 90 52.68 -14.60 -43.79
C GLN A 90 53.19 -14.05 -42.46
N THR A 91 52.78 -12.84 -42.14
CA THR A 91 53.18 -12.21 -40.88
C THR A 91 51.96 -11.59 -40.20
N GLU A 92 51.96 -11.59 -38.86
CA GLU A 92 50.82 -11.07 -38.10
C GLU A 92 51.21 -9.94 -37.16
N LEU A 93 50.32 -8.96 -37.04
CA LEU A 93 50.55 -7.82 -36.15
C LEU A 93 49.54 -7.77 -35.02
N GLN A 94 50.03 -7.96 -33.80
CA GLN A 94 49.19 -7.93 -32.61
C GLN A 94 49.22 -6.54 -31.97
N LEU A 95 48.05 -5.92 -31.87
CA LEU A 95 47.93 -4.60 -31.26
C LEU A 95 47.60 -4.71 -29.77
N THR A 96 48.50 -4.22 -28.93
CA THR A 96 48.29 -4.20 -27.49
C THR A 96 47.36 -3.05 -27.10
N ASP A 97 46.37 -3.35 -26.27
CA ASP A 97 45.40 -2.35 -25.84
C ASP A 97 46.00 -1.40 -24.83
N ILE A 98 45.82 -0.10 -25.07
CA ILE A 98 46.27 0.92 -24.13
C ILE A 98 45.07 1.69 -23.60
N ASN A 99 45.09 1.98 -22.30
CA ASN A 99 43.96 2.62 -21.62
C ASN A 99 43.78 4.08 -22.06
N ASP A 100 43.03 4.29 -23.13
CA ASP A 100 42.81 5.62 -23.65
C ASP A 100 41.34 6.00 -23.65
N HIS A 101 40.56 5.32 -22.81
CA HIS A 101 39.14 5.62 -22.66
C HIS A 101 38.73 5.65 -21.20
N SER A 102 38.01 6.70 -20.81
CA SER A 102 37.54 6.83 -19.44
C SER A 102 36.17 6.20 -19.27
N PRO A 103 35.96 5.51 -18.14
CA PRO A 103 34.65 4.94 -17.82
C PRO A 103 33.58 6.02 -17.85
N GLU A 104 32.47 5.75 -18.55
CA GLU A 104 31.41 6.73 -18.69
C GLU A 104 30.04 6.08 -18.50
N PHE A 105 29.12 6.81 -17.88
CA PHE A 105 27.78 6.32 -17.64
C PHE A 105 26.78 6.85 -18.67
N PRO A 106 25.94 5.96 -19.20
CA PRO A 106 24.94 6.31 -20.22
C PRO A 106 23.99 7.41 -19.75
N ASP A 107 23.48 7.25 -18.54
CA ASP A 107 22.56 8.23 -17.96
C ASP A 107 23.26 9.06 -16.88
N THR A 108 23.10 10.37 -16.97
CA THR A 108 23.69 11.29 -15.99
C THR A 108 23.16 11.01 -14.59
N GLU A 109 21.90 10.60 -14.51
CA GLU A 109 21.28 10.25 -13.23
C GLU A 109 20.30 9.08 -13.40
N MET A 110 20.29 8.19 -12.41
CA MET A 110 19.36 7.05 -12.45
C MET A 110 18.37 7.12 -11.30
N LEU A 111 17.09 6.87 -11.60
CA LEU A 111 16.04 6.94 -10.60
C LEU A 111 15.62 5.56 -10.12
N LEU A 112 15.58 5.38 -8.80
CA LEU A 112 15.14 4.12 -8.20
C LEU A 112 13.98 4.37 -7.24
N LYS A 113 13.01 3.46 -7.26
CA LYS A 113 11.91 3.49 -6.30
C LYS A 113 11.98 2.24 -5.43
N ILE A 114 12.32 2.42 -4.16
CA ILE A 114 12.42 1.31 -3.22
C ILE A 114 11.46 1.52 -2.06
N GLN A 115 10.49 0.62 -1.94
CA GLN A 115 9.45 0.77 -0.92
C GLN A 115 10.03 0.72 0.50
N GLU A 116 9.35 1.40 1.41
CA GLU A 116 9.78 1.48 2.81
C GLU A 116 9.88 0.10 3.46
N SER A 117 9.03 -0.81 3.03
CA SER A 117 8.95 -2.15 3.63
C SER A 117 9.95 -3.13 3.01
N THR A 118 11.01 -2.60 2.42
CA THR A 118 12.02 -3.42 1.76
C THR A 118 12.92 -4.13 2.76
N GLN A 119 13.07 -5.44 2.59
CA GLN A 119 13.88 -6.25 3.49
C GLN A 119 15.37 -6.07 3.25
N PRO A 120 16.19 -6.24 4.29
CA PRO A 120 17.65 -6.15 4.14
C PRO A 120 18.20 -7.24 3.23
N ALA A 121 19.46 -7.09 2.82
CA ALA A 121 20.17 -8.08 1.98
C ALA A 121 19.55 -8.22 0.59
N THR A 122 18.51 -7.45 0.30
CA THR A 122 17.89 -7.45 -1.02
C THR A 122 18.74 -6.67 -2.00
N VAL A 123 18.85 -7.19 -3.22
CA VAL A 123 19.75 -6.59 -4.21
C VAL A 123 18.99 -5.91 -5.35
N PHE A 124 19.52 -4.78 -5.78
CA PHE A 124 18.94 -4.03 -6.90
C PHE A 124 19.99 -3.87 -7.99
N LEU A 125 19.54 -3.89 -9.25
CA LEU A 125 20.46 -3.80 -10.37
C LEU A 125 20.54 -2.39 -10.93
N LEU A 126 21.77 -1.95 -11.17
CA LEU A 126 22.03 -0.62 -11.69
C LEU A 126 22.68 -0.69 -13.06
N LYS A 127 22.54 0.37 -13.84
CA LYS A 127 23.15 0.44 -15.15
C LYS A 127 24.67 0.47 -15.02
N ALA A 128 25.36 -0.06 -16.03
CA ALA A 128 26.81 -0.18 -15.96
C ALA A 128 27.50 0.90 -16.78
N ALA A 129 28.73 1.23 -16.40
CA ALA A 129 29.51 2.22 -17.12
C ALA A 129 30.15 1.62 -18.36
N GLN A 130 29.95 2.28 -19.51
CA GLN A 130 30.48 1.78 -20.76
C GLN A 130 31.95 2.17 -20.95
N ASP A 131 32.75 1.21 -21.36
CA ASP A 131 34.17 1.43 -21.62
C ASP A 131 34.58 0.72 -22.90
N SER A 132 35.27 1.43 -23.79
CA SER A 132 35.71 0.86 -25.05
C SER A 132 36.88 -0.10 -24.87
N ASP A 133 37.72 0.18 -23.87
CA ASP A 133 38.88 -0.66 -23.59
C ASP A 133 38.46 -2.02 -23.05
N ILE A 134 39.41 -2.94 -22.97
CA ILE A 134 39.13 -4.29 -22.48
C ILE A 134 40.17 -4.71 -21.45
N GLY A 135 39.94 -5.87 -20.83
CA GLY A 135 40.88 -6.43 -19.88
C GLY A 135 41.09 -5.58 -18.64
N SER A 136 42.36 -5.31 -18.34
CA SER A 136 42.73 -4.49 -17.19
C SER A 136 42.42 -3.02 -17.43
N ASN A 137 42.29 -2.63 -18.69
CA ASN A 137 42.02 -1.24 -19.05
C ASN A 137 40.53 -0.90 -19.04
N ALA A 138 39.70 -1.90 -18.81
CA ALA A 138 38.27 -1.69 -18.71
C ALA A 138 37.88 -1.37 -17.26
N VAL A 139 36.59 -1.18 -17.04
CA VAL A 139 36.07 -0.94 -15.70
C VAL A 139 36.41 -2.14 -14.82
N GLN A 140 36.94 -1.88 -13.62
CA GLN A 140 37.43 -2.95 -12.77
C GLN A 140 36.86 -2.89 -11.34
N ASN A 141 36.40 -1.72 -10.93
CA ASN A 141 35.85 -1.55 -9.57
C ASN A 141 34.65 -0.62 -9.56
N TYR A 142 33.77 -0.80 -8.58
CA TYR A 142 32.63 0.09 -8.40
C TYR A 142 32.52 0.57 -6.96
N THR A 143 32.44 1.89 -6.77
CA THR A 143 32.32 2.46 -5.43
C THR A 143 31.14 3.40 -5.33
N VAL A 144 30.46 3.36 -4.19
CA VAL A 144 29.34 4.26 -3.95
C VAL A 144 29.72 5.26 -2.87
N SER A 145 29.12 6.44 -2.91
CA SER A 145 29.35 7.46 -1.89
C SER A 145 28.95 6.89 -0.53
N PRO A 146 29.78 7.14 0.50
CA PRO A 146 29.58 6.60 1.85
C PRO A 146 28.19 6.89 2.40
N ASN A 147 27.48 5.85 2.79
CA ASN A 147 26.12 6.00 3.32
C ASN A 147 25.81 4.94 4.36
N LEU A 148 24.77 5.20 5.14
CA LEU A 148 24.38 4.32 6.23
C LEU A 148 23.65 3.06 5.74
N HIS A 149 22.78 3.23 4.74
CA HIS A 149 21.87 2.17 4.32
C HIS A 149 22.45 1.13 3.35
N PHE A 150 23.09 1.58 2.29
CA PHE A 150 23.50 0.69 1.20
C PHE A 150 25.01 0.42 1.13
N HIS A 151 25.38 -0.53 0.27
CA HIS A 151 26.77 -0.72 -0.15
C HIS A 151 26.79 -1.35 -1.54
N VAL A 152 27.85 -1.13 -2.30
CA VAL A 152 27.90 -1.59 -3.69
C VAL A 152 28.80 -2.82 -3.91
N VAL A 153 28.27 -3.79 -4.65
CA VAL A 153 29.02 -5.01 -4.95
C VAL A 153 29.12 -5.20 -6.47
N THR A 154 30.33 -5.43 -6.96
CA THR A 154 30.54 -5.61 -8.40
C THR A 154 30.44 -7.06 -8.83
N LEU A 155 29.41 -7.39 -9.60
CA LEU A 155 29.23 -8.75 -10.09
C LEU A 155 29.92 -8.97 -11.42
N SER A 156 30.71 -10.04 -11.50
CA SER A 156 31.49 -10.36 -12.69
C SER A 156 30.73 -11.23 -13.68
N ARG A 157 29.40 -11.22 -13.58
CA ARG A 157 28.55 -11.95 -14.50
C ARG A 157 28.66 -11.36 -15.91
N SER A 158 27.86 -11.88 -16.85
CA SER A 158 27.89 -11.52 -18.28
C SER A 158 29.16 -12.07 -18.94
N ASP A 159 29.11 -12.17 -20.26
CA ASP A 159 30.20 -12.76 -21.04
C ASP A 159 31.49 -11.97 -20.85
N GLY A 160 31.38 -10.65 -20.79
CA GLY A 160 32.53 -9.80 -20.64
C GLY A 160 32.34 -8.75 -19.55
N ARG A 161 33.44 -8.42 -18.88
CA ARG A 161 33.46 -7.36 -17.88
C ARG A 161 32.52 -7.61 -16.70
N LYS A 162 32.29 -6.56 -15.91
CA LYS A 162 31.50 -6.68 -14.70
C LYS A 162 30.55 -5.49 -14.52
N TYR A 163 29.41 -5.73 -13.87
CA TYR A 163 28.40 -4.70 -13.67
C TYR A 163 28.18 -4.39 -12.18
N PRO A 164 27.65 -3.19 -11.88
CA PRO A 164 27.42 -2.80 -10.49
C PRO A 164 26.07 -3.23 -9.92
N GLU A 165 26.10 -3.71 -8.67
CA GLU A 165 24.90 -4.12 -7.95
C GLU A 165 24.80 -3.35 -6.65
N LEU A 166 23.57 -3.03 -6.24
CA LEU A 166 23.35 -2.30 -4.99
C LEU A 166 22.75 -3.23 -3.94
N VAL A 167 23.30 -3.17 -2.73
CA VAL A 167 22.85 -4.04 -1.66
C VAL A 167 22.40 -3.22 -0.45
N LEU A 168 21.29 -3.61 0.15
CA LEU A 168 20.74 -2.91 1.30
C LEU A 168 21.06 -3.64 2.60
N ASP A 169 21.67 -2.91 3.54
CA ASP A 169 22.07 -3.50 4.82
C ASP A 169 21.22 -2.98 5.98
N ARG A 170 20.77 -1.73 5.86
CA ARG A 170 19.98 -1.11 6.91
C ARG A 170 18.60 -0.72 6.40
N ALA A 171 17.55 -1.15 7.10
CA ALA A 171 16.17 -0.94 6.66
C ALA A 171 15.84 0.54 6.45
N LEU A 172 14.91 0.81 5.53
CA LEU A 172 14.56 2.17 5.16
C LEU A 172 13.28 2.64 5.85
N ASP A 173 13.21 3.95 6.12
CA ASP A 173 12.03 4.55 6.69
C ASP A 173 11.71 5.87 5.98
N ARG A 174 10.50 5.99 5.46
CA ARG A 174 10.12 7.18 4.72
C ARG A 174 9.86 8.34 5.68
N GLU A 175 9.45 8.00 6.90
CA GLU A 175 9.09 9.01 7.89
C GLU A 175 10.30 9.83 8.32
N GLU A 176 11.48 9.22 8.32
CA GLU A 176 12.69 9.93 8.67
C GLU A 176 13.33 10.59 7.46
N GLN A 177 13.52 9.81 6.39
CA GLN A 177 14.09 10.32 5.16
C GLN A 177 13.27 9.89 3.95
N PRO A 178 12.62 10.86 3.28
CA PRO A 178 11.77 10.59 2.11
C PRO A 178 12.56 10.08 0.90
N GLU A 179 13.71 10.68 0.62
CA GLU A 179 14.54 10.23 -0.50
C GLU A 179 16.02 10.33 -0.18
N LEU A 180 16.81 9.51 -0.86
CA LEU A 180 18.25 9.49 -0.70
C LEU A 180 18.95 9.82 -2.01
N THR A 181 20.13 10.43 -1.92
CA THR A 181 20.91 10.75 -3.10
C THR A 181 22.36 10.30 -2.92
N LEU A 182 22.86 9.52 -3.86
CA LEU A 182 24.19 8.94 -3.77
C LEU A 182 25.03 9.19 -5.02
N ILE A 183 26.34 9.06 -4.88
CA ILE A 183 27.26 9.24 -6.00
C ILE A 183 27.94 7.93 -6.37
N LEU A 184 27.65 7.43 -7.57
CA LEU A 184 28.22 6.17 -8.05
C LEU A 184 29.44 6.42 -8.93
N THR A 185 30.56 5.80 -8.58
CA THR A 185 31.81 6.00 -9.29
C THR A 185 32.37 4.68 -9.83
N ALA A 186 32.73 4.70 -11.12
CA ALA A 186 33.31 3.54 -11.78
C ALA A 186 34.82 3.71 -11.90
N LEU A 187 35.55 2.79 -11.29
CA LEU A 187 37.01 2.85 -11.27
C LEU A 187 37.63 1.90 -12.27
N ASP A 188 38.50 2.46 -13.11
CA ASP A 188 39.24 1.71 -14.12
C ASP A 188 40.35 0.92 -13.45
N GLY A 189 40.79 -0.16 -14.10
CA GLY A 189 41.84 -0.99 -13.56
C GLY A 189 43.25 -0.54 -13.91
N GLY A 190 43.34 0.33 -14.91
CA GLY A 190 44.63 0.83 -15.38
C GLY A 190 45.36 1.68 -14.37
N ALA A 191 46.63 1.97 -14.65
CA ALA A 191 47.44 2.81 -13.78
C ALA A 191 47.96 4.04 -14.52
N PRO A 192 47.49 5.25 -14.12
CA PRO A 192 46.51 5.47 -13.05
C PRO A 192 45.07 5.22 -13.50
N PRO A 193 44.19 4.86 -12.55
CA PRO A 193 42.78 4.60 -12.86
C PRO A 193 42.04 5.84 -13.36
N LYS A 194 41.01 5.63 -14.19
CA LYS A 194 40.19 6.73 -14.68
C LYS A 194 38.78 6.67 -14.08
N SER A 195 38.24 7.84 -13.76
CA SER A 195 36.98 7.92 -13.04
C SER A 195 35.77 8.09 -13.97
N GLY A 196 34.59 7.82 -13.42
CA GLY A 196 33.32 8.00 -14.13
C GLY A 196 32.17 8.03 -13.13
N THR A 197 31.61 9.21 -12.89
CA THR A 197 30.59 9.37 -11.85
C THR A 197 29.18 9.56 -12.41
N THR A 198 28.19 9.18 -11.60
CA THR A 198 26.79 9.38 -11.94
C THR A 198 25.94 9.52 -10.67
N THR A 199 24.81 10.19 -10.78
CA THR A 199 23.95 10.45 -9.62
C THR A 199 22.86 9.39 -9.49
N VAL A 200 22.75 8.81 -8.30
CA VAL A 200 21.69 7.84 -8.00
C VAL A 200 20.66 8.42 -7.05
N ARG A 201 19.41 8.52 -7.50
CA ARG A 201 18.35 9.06 -6.68
C ARG A 201 17.34 7.99 -6.29
N ILE A 202 17.31 7.64 -5.00
CA ILE A 202 16.40 6.62 -4.51
C ILE A 202 15.19 7.25 -3.82
N GLU A 203 14.01 6.91 -4.31
CA GLU A 203 12.77 7.46 -3.77
C GLU A 203 12.03 6.39 -2.97
N VAL A 204 11.91 6.61 -1.66
CA VAL A 204 11.21 5.65 -0.80
C VAL A 204 9.71 5.74 -1.01
N VAL A 205 9.08 4.59 -1.25
CA VAL A 205 7.65 4.52 -1.49
C VAL A 205 6.89 4.33 -0.17
N ASP A 206 5.86 5.14 0.05
CA ASP A 206 5.10 5.09 1.30
C ASP A 206 4.31 3.80 1.41
N ILE A 207 4.47 3.12 2.54
CA ILE A 207 3.68 1.94 2.83
C ILE A 207 2.95 2.14 4.15
N ASN A 208 2.01 1.25 4.42
CA ASN A 208 1.17 1.38 5.61
C ASN A 208 1.76 0.67 6.83
N ASP A 209 2.54 1.41 7.61
CA ASP A 209 3.20 0.83 8.77
C ASP A 209 2.97 1.64 10.05
N ASN A 210 2.22 2.74 9.94
CA ASN A 210 1.90 3.56 11.10
C ASN A 210 0.41 3.70 11.33
N ALA A 211 -0.06 3.22 12.48
CA ALA A 211 -1.48 3.29 12.81
C ALA A 211 -1.86 4.71 13.19
N PRO A 212 -3.08 5.14 12.82
CA PRO A 212 -3.56 6.46 13.21
C PRO A 212 -3.74 6.58 14.73
N GLU A 213 -3.21 7.65 15.32
CA GLU A 213 -3.30 7.84 16.76
C GLU A 213 -4.11 9.10 17.11
N PHE A 214 -4.82 9.07 18.23
CA PHE A 214 -5.67 10.18 18.64
C PHE A 214 -4.91 11.22 19.43
N VAL A 215 -5.24 12.49 19.20
CA VAL A 215 -4.60 13.60 19.90
C VAL A 215 -4.77 13.47 21.40
N GLN A 216 -6.00 13.21 21.83
CA GLN A 216 -6.31 13.04 23.25
C GLN A 216 -6.98 11.70 23.52
N SER A 217 -6.49 11.01 24.54
CA SER A 217 -6.99 9.68 24.90
C SER A 217 -8.44 9.71 25.33
N LEU A 218 -8.84 10.78 26.01
CA LEU A 218 -10.18 10.87 26.57
C LEU A 218 -10.83 12.22 26.26
N TYR A 219 -12.14 12.19 26.03
CA TYR A 219 -12.89 13.42 25.76
C TYR A 219 -14.05 13.62 26.72
N SER A 220 -14.05 14.75 27.42
CA SER A 220 -15.13 15.08 28.34
C SER A 220 -15.83 16.36 27.90
N VAL A 221 -17.08 16.22 27.44
CA VAL A 221 -17.85 17.36 26.99
C VAL A 221 -19.26 17.31 27.60
N GLU A 222 -19.82 18.48 27.88
CA GLU A 222 -21.14 18.55 28.50
C GLU A 222 -22.17 19.17 27.57
N VAL A 223 -23.33 18.52 27.49
CA VAL A 223 -24.42 18.99 26.63
C VAL A 223 -25.75 18.99 27.36
N PRO A 224 -26.48 20.13 27.30
CA PRO A 224 -27.81 20.24 27.90
C PRO A 224 -28.81 19.26 27.28
N GLU A 225 -29.85 18.91 28.01
CA GLU A 225 -30.79 17.90 27.53
C GLU A 225 -31.77 18.47 26.50
N ASN A 226 -31.72 19.79 26.30
CA ASN A 226 -32.62 20.46 25.37
C ASN A 226 -31.91 21.02 24.15
N SER A 227 -30.74 20.47 23.83
CA SER A 227 -29.99 20.89 22.66
C SER A 227 -30.70 20.46 21.38
N PRO A 228 -30.68 21.33 20.36
CA PRO A 228 -31.32 21.02 19.07
C PRO A 228 -30.73 19.77 18.43
N LEU A 229 -31.46 19.17 17.50
CA LEU A 229 -31.01 17.95 16.84
C LEU A 229 -29.71 18.17 16.08
N ASP A 230 -29.57 19.35 15.48
CA ASP A 230 -28.32 19.71 14.81
C ASP A 230 -27.47 20.60 15.69
N ALA A 231 -26.67 19.97 16.54
CA ALA A 231 -25.79 20.71 17.44
C ALA A 231 -24.43 20.02 17.55
N LEU A 232 -23.37 20.81 17.41
CA LEU A 232 -22.03 20.27 17.46
C LEU A 232 -21.62 19.96 18.90
N VAL A 233 -21.61 18.68 19.24
CA VAL A 233 -21.24 18.24 20.57
C VAL A 233 -19.74 18.40 20.81
N VAL A 234 -18.95 17.65 20.05
CA VAL A 234 -17.49 17.69 20.15
C VAL A 234 -16.87 17.20 18.85
N THR A 235 -15.72 17.77 18.50
CA THR A 235 -14.96 17.35 17.32
C THR A 235 -13.67 16.64 17.70
N VAL A 236 -13.57 15.35 17.35
CA VAL A 236 -12.37 14.59 17.67
C VAL A 236 -11.50 14.41 16.41
N SER A 237 -10.17 14.45 16.61
CA SER A 237 -9.26 14.35 15.48
C SER A 237 -8.08 13.43 15.77
N ALA A 238 -7.59 12.80 14.70
CA ALA A 238 -6.43 11.92 14.79
C ALA A 238 -5.47 12.22 13.64
N ARG A 239 -4.20 11.89 13.84
CA ARG A 239 -3.18 12.15 12.82
C ARG A 239 -2.49 10.87 12.39
N ASP A 240 -2.17 10.78 11.10
CA ASP A 240 -1.48 9.62 10.56
C ASP A 240 -0.13 10.01 9.99
N LEU A 241 0.91 9.27 10.38
CA LEU A 241 2.27 9.55 9.93
C LEU A 241 2.44 9.28 8.44
N ASP A 242 1.69 8.30 7.93
CA ASP A 242 1.79 7.92 6.52
C ASP A 242 1.13 8.96 5.61
N ALA A 243 1.36 8.82 4.31
CA ALA A 243 0.81 9.77 3.35
C ALA A 243 -0.06 9.05 2.32
N GLY A 244 -0.77 9.82 1.49
CA GLY A 244 -1.64 9.26 0.49
C GLY A 244 -2.86 8.58 1.07
N ILE A 245 -3.16 7.39 0.54
CA ILE A 245 -4.30 6.61 1.02
C ILE A 245 -3.97 5.96 2.36
N HIS A 246 -2.68 5.88 2.68
CA HIS A 246 -2.23 5.31 3.94
C HIS A 246 -2.30 6.36 5.05
N GLY A 247 -2.60 7.59 4.68
CA GLY A 247 -2.67 8.69 5.63
C GLY A 247 -4.08 9.16 5.91
N ASN A 248 -5.01 8.83 5.02
CA ASN A 248 -6.42 9.20 5.18
C ASN A 248 -7.05 8.46 6.36
N VAL A 249 -7.89 9.15 7.11
CA VAL A 249 -8.47 8.58 8.31
C VAL A 249 -10.00 8.52 8.23
N ALA A 250 -10.56 7.39 8.64
CA ALA A 250 -12.01 7.23 8.70
C ALA A 250 -12.49 7.13 10.14
N TYR A 251 -13.43 8.00 10.53
CA TYR A 251 -13.93 8.03 11.90
C TYR A 251 -15.27 7.32 12.05
N SER A 252 -15.36 6.41 13.01
CA SER A 252 -16.64 5.81 13.35
C SER A 252 -16.76 5.61 14.86
N LEU A 253 -17.98 5.71 15.39
CA LEU A 253 -18.19 5.64 16.83
C LEU A 253 -18.73 4.28 17.27
N PHE A 254 -18.40 3.92 18.50
CA PHE A 254 -18.91 2.71 19.15
C PHE A 254 -19.66 3.06 20.43
N GLN A 255 -20.99 2.98 20.38
CA GLN A 255 -21.80 3.20 21.56
C GLN A 255 -21.70 2.01 22.51
N GLY A 256 -22.16 2.18 23.73
CA GLY A 256 -22.15 1.10 24.71
C GLY A 256 -22.96 -0.09 24.21
N GLY A 257 -22.65 -1.27 24.75
CA GLY A 257 -23.36 -2.49 24.39
C GLY A 257 -24.85 -2.39 24.68
N GLY A 258 -25.18 -1.79 25.82
CA GLY A 258 -26.56 -1.60 26.23
C GLY A 258 -27.13 -0.25 25.87
N GLY A 259 -28.31 -0.24 25.25
CA GLY A 259 -29.03 0.99 24.98
C GLY A 259 -28.53 1.79 23.79
N PRO A 260 -29.45 2.15 22.89
CA PRO A 260 -29.16 2.99 21.71
C PRO A 260 -28.84 4.44 22.09
N GLN A 261 -28.05 5.10 21.26
CA GLN A 261 -27.66 6.49 21.53
C GLN A 261 -28.07 7.41 20.38
N PRO A 262 -28.40 8.67 20.70
CA PRO A 262 -28.76 9.67 19.69
C PRO A 262 -27.52 10.39 19.16
N PHE A 263 -26.39 9.69 19.10
CA PHE A 263 -25.16 10.29 18.60
C PHE A 263 -24.78 9.74 17.23
N VAL A 264 -24.29 10.63 16.37
CA VAL A 264 -23.86 10.24 15.04
C VAL A 264 -22.53 10.90 14.70
N ILE A 265 -21.66 10.17 14.01
CA ILE A 265 -20.32 10.63 13.68
C ILE A 265 -20.13 10.74 12.17
N ASP A 266 -19.28 11.66 11.75
CA ASP A 266 -18.90 11.81 10.35
C ASP A 266 -17.56 11.13 10.09
N GLU A 267 -17.45 10.37 9.00
CA GLU A 267 -16.22 9.66 8.68
C GLU A 267 -15.07 10.63 8.45
N ILE A 268 -15.36 11.76 7.82
CA ILE A 268 -14.32 12.70 7.40
C ILE A 268 -13.97 13.72 8.48
N THR A 269 -14.96 14.46 8.96
CA THR A 269 -14.70 15.59 9.86
C THR A 269 -14.44 15.18 11.32
N GLY A 270 -15.03 14.06 11.73
CA GLY A 270 -14.90 13.59 13.09
C GLY A 270 -15.75 14.42 14.04
N GLU A 271 -16.85 14.94 13.50
CA GLU A 271 -17.78 15.73 14.30
C GLU A 271 -18.88 14.86 14.87
N ILE A 272 -18.99 14.86 16.19
CA ILE A 272 -20.04 14.11 16.87
C ILE A 272 -21.25 15.01 17.03
N ARG A 273 -22.37 14.64 16.42
CA ARG A 273 -23.58 15.46 16.49
C ARG A 273 -24.78 14.66 17.00
N LEU A 274 -25.81 15.36 17.43
CA LEU A 274 -27.01 14.73 17.95
C LEU A 274 -27.86 14.11 16.83
N LYS A 275 -28.45 12.97 17.11
CA LYS A 275 -29.32 12.28 16.15
C LYS A 275 -30.75 12.27 16.68
N GLY A 276 -30.93 12.88 17.84
CA GLY A 276 -32.23 12.95 18.48
C GLY A 276 -32.21 13.86 19.69
N ALA A 277 -33.31 13.87 20.44
CA ALA A 277 -33.41 14.70 21.64
C ALA A 277 -32.85 13.97 22.86
N LEU A 278 -32.48 14.73 23.87
CA LEU A 278 -31.92 14.17 25.10
C LEU A 278 -32.85 14.38 26.29
N ASP A 279 -32.52 13.72 27.39
CA ASP A 279 -33.27 13.86 28.64
C ASP A 279 -32.43 13.39 29.82
N PHE A 280 -32.23 14.29 30.78
CA PHE A 280 -31.41 14.01 31.95
C PHE A 280 -32.08 12.98 32.85
N GLU A 281 -33.41 12.98 32.87
CA GLU A 281 -34.16 12.08 33.72
C GLU A 281 -34.06 10.63 33.22
N ALA A 282 -33.90 10.47 31.92
CA ALA A 282 -33.78 9.14 31.33
C ALA A 282 -32.35 8.62 31.42
N THR A 283 -31.45 9.32 30.75
CA THR A 283 -30.03 8.96 30.74
C THR A 283 -29.18 10.10 31.27
N SER A 284 -28.45 9.82 32.34
CA SER A 284 -27.63 10.84 33.02
C SER A 284 -26.21 10.93 32.46
N TYR A 285 -25.76 9.86 31.80
CA TYR A 285 -24.38 9.80 31.34
C TYR A 285 -24.25 8.97 30.07
N TYR A 286 -23.35 9.38 29.20
CA TYR A 286 -23.07 8.62 27.98
C TYR A 286 -21.59 8.31 27.88
N THR A 287 -21.28 7.06 27.56
CA THR A 287 -19.90 6.64 27.36
C THR A 287 -19.77 5.86 26.07
N MET A 288 -18.80 6.24 25.25
CA MET A 288 -18.61 5.59 23.96
C MET A 288 -17.14 5.62 23.56
N GLU A 289 -16.79 4.92 22.49
CA GLU A 289 -15.41 4.89 22.03
C GLU A 289 -15.29 5.25 20.55
N ILE A 290 -14.49 6.28 20.25
CA ILE A 290 -14.29 6.69 18.86
C ILE A 290 -13.10 5.98 18.25
N VAL A 291 -13.31 5.35 17.10
CA VAL A 291 -12.22 4.67 16.41
C VAL A 291 -11.89 5.36 15.08
N ALA A 292 -10.59 5.47 14.84
CA ALA A 292 -10.04 5.98 13.60
C ALA A 292 -9.37 4.85 12.83
N THR A 293 -10.04 4.39 11.77
CA THR A 293 -9.51 3.31 10.95
C THR A 293 -8.81 3.87 9.72
N ASP A 294 -7.64 3.31 9.43
CA ASP A 294 -6.90 3.67 8.24
C ASP A 294 -7.51 3.00 7.00
N SER A 295 -7.20 3.53 5.83
CA SER A 295 -7.70 2.97 4.58
C SER A 295 -7.01 1.65 4.26
N GLY A 296 -5.97 1.33 5.03
CA GLY A 296 -5.29 0.05 4.92
C GLY A 296 -5.86 -0.95 5.89
N GLY A 297 -6.11 -0.50 7.12
CA GLY A 297 -6.70 -1.36 8.13
C GLY A 297 -6.24 -1.05 9.54
N LEU A 298 -5.19 -0.25 9.66
CA LEU A 298 -4.67 0.12 10.98
C LEU A 298 -5.66 1.02 11.70
N SER A 299 -5.77 0.85 13.01
CA SER A 299 -6.79 1.58 13.78
C SER A 299 -6.28 2.14 15.11
N GLY A 300 -6.84 3.27 15.50
CA GLY A 300 -6.52 3.89 16.78
C GLY A 300 -7.79 4.28 17.52
N LYS A 301 -7.82 4.03 18.82
CA LYS A 301 -9.06 4.22 19.59
C LYS A 301 -8.93 5.25 20.71
N CYS A 302 -9.99 6.02 20.91
CA CYS A 302 -10.07 6.96 22.03
C CYS A 302 -11.41 6.80 22.72
N THR A 303 -11.53 7.34 23.93
CA THR A 303 -12.79 7.26 24.69
C THR A 303 -13.44 8.62 24.83
N VAL A 304 -14.74 8.68 24.55
CA VAL A 304 -15.50 9.91 24.70
C VAL A 304 -16.65 9.74 25.69
N ALA A 305 -16.68 10.61 26.69
CA ALA A 305 -17.69 10.57 27.73
C ALA A 305 -18.45 11.88 27.81
N ILE A 306 -19.74 11.83 27.51
CA ILE A 306 -20.59 13.00 27.55
C ILE A 306 -21.51 13.01 28.77
N GLN A 307 -21.36 14.04 29.60
CA GLN A 307 -22.22 14.22 30.75
CA GLN A 307 -22.22 14.22 30.75
C GLN A 307 -23.29 15.26 30.44
N VAL A 308 -24.55 14.81 30.41
CA VAL A 308 -25.66 15.71 30.16
C VAL A 308 -25.91 16.57 31.40
N LEU A 309 -26.43 17.77 31.17
CA LEU A 309 -26.69 18.71 32.27
C LEU A 309 -28.19 18.86 32.48
N ASP A 310 -28.62 18.73 33.73
CA ASP A 310 -30.04 18.80 34.06
C ASP A 310 -30.58 20.21 33.97
N VAL A 311 -31.55 20.42 33.09
CA VAL A 311 -32.23 21.69 32.99
C VAL A 311 -33.59 21.59 33.67
N ASN A 312 -33.93 22.58 34.49
CA ASN A 312 -35.19 22.56 35.23
C ASN A 312 -36.37 22.76 34.28
N ASP A 313 -36.68 21.72 33.51
CA ASP A 313 -37.73 21.77 32.50
C ASP A 313 -39.06 21.22 33.01
N ASN A 314 -39.03 20.59 34.18
CA ASN A 314 -40.23 20.00 34.75
C ASN A 314 -40.71 20.69 36.03
N ALA A 315 -41.97 21.12 36.03
CA ALA A 315 -42.55 21.78 37.19
C ALA A 315 -43.05 20.75 38.21
N PRO A 316 -42.98 21.10 39.51
CA PRO A 316 -43.47 20.29 40.63
C PRO A 316 -44.88 19.74 40.39
N LYS A 317 -45.12 18.51 40.84
CA LYS A 317 -46.44 17.90 40.72
C LYS A 317 -47.06 17.65 42.09
N LEU A 318 -48.27 18.14 42.29
CA LEU A 318 -48.97 17.98 43.56
C LEU A 318 -50.12 16.98 43.45
N THR A 319 -50.12 15.99 44.34
CA THR A 319 -51.16 14.96 44.35
C THR A 319 -51.82 14.82 45.73
N ILE A 320 -53.14 14.69 45.74
CA ILE A 320 -53.90 14.55 46.98
C ILE A 320 -54.14 13.08 47.31
N SER A 321 -53.51 12.60 48.38
CA SER A 321 -53.66 11.20 48.78
C SER A 321 -54.97 10.98 49.50
N SER A 322 -55.23 11.80 50.50
CA SER A 322 -56.46 11.73 51.27
C SER A 322 -56.96 13.14 51.56
N LEU A 323 -58.27 13.33 51.50
CA LEU A 323 -58.85 14.65 51.68
C LEU A 323 -60.17 14.60 52.43
N THR A 324 -60.42 15.63 53.23
CA THR A 324 -61.68 15.78 53.95
C THR A 324 -62.36 17.07 53.52
N SER A 325 -63.54 16.94 52.91
CA SER A 325 -64.25 18.08 52.33
C SER A 325 -64.62 19.14 53.37
N SER A 326 -65.10 18.70 54.53
CA SER A 326 -65.50 19.61 55.59
C SER A 326 -64.90 19.21 56.93
N ILE A 327 -64.70 20.20 57.80
CA ILE A 327 -64.03 19.99 59.07
C ILE A 327 -64.94 20.35 60.23
N PRO A 328 -64.96 19.51 61.28
CA PRO A 328 -65.76 19.74 62.49
C PRO A 328 -65.43 21.07 63.17
N GLU A 329 -66.33 21.53 64.05
CA GLU A 329 -66.16 22.83 64.68
C GLU A 329 -65.14 22.81 65.81
N ASN A 330 -65.34 21.94 66.79
CA ASN A 330 -64.49 21.94 67.99
C ASN A 330 -63.37 20.91 67.93
N ALA A 331 -63.04 20.44 66.73
CA ALA A 331 -62.00 19.43 66.56
C ALA A 331 -60.61 20.01 66.78
N PRO A 332 -59.84 19.42 67.71
CA PRO A 332 -58.46 19.85 67.95
C PRO A 332 -57.47 19.09 67.10
N GLU A 333 -56.53 19.82 66.48
CA GLU A 333 -55.51 19.23 65.61
C GLU A 333 -56.14 18.40 64.49
N ALA A 334 -57.26 18.87 63.96
CA ALA A 334 -58.01 18.14 62.94
C ALA A 334 -57.23 18.12 61.63
N VAL A 335 -57.23 16.97 60.97
CA VAL A 335 -56.51 16.81 59.71
C VAL A 335 -57.41 17.04 58.50
N VAL A 336 -57.08 18.06 57.73
CA VAL A 336 -57.86 18.42 56.54
C VAL A 336 -57.52 17.51 55.37
N ALA A 337 -56.23 17.32 55.11
CA ALA A 337 -55.81 16.51 53.97
C ALA A 337 -54.39 15.98 54.13
N VAL A 338 -54.10 14.91 53.39
CA VAL A 338 -52.75 14.37 53.30
C VAL A 338 -52.33 14.32 51.85
N PHE A 339 -51.29 15.08 51.51
CA PHE A 339 -50.86 15.20 50.11
C PHE A 339 -49.37 14.92 49.94
N SER A 340 -48.96 14.79 48.68
CA SER A 340 -47.56 14.57 48.35
C SER A 340 -47.14 15.37 47.12
N VAL A 341 -45.86 15.67 47.04
CA VAL A 341 -45.30 16.38 45.90
C VAL A 341 -44.17 15.59 45.26
N SER A 342 -44.05 15.71 43.94
CA SER A 342 -42.99 14.99 43.22
C SER A 342 -42.36 15.87 42.14
N ASP A 343 -41.03 15.79 42.02
CA ASP A 343 -40.29 16.55 41.03
C ASP A 343 -39.22 15.67 40.39
N PRO A 344 -39.37 15.37 39.09
CA PRO A 344 -38.46 14.46 38.39
C PRO A 344 -37.05 15.01 38.17
N ASP A 345 -36.91 16.34 38.18
CA ASP A 345 -35.61 16.98 37.97
C ASP A 345 -34.61 16.64 39.06
N SER A 346 -33.32 16.86 38.77
CA SER A 346 -32.25 16.56 39.72
C SER A 346 -31.69 17.84 40.34
N GLY A 347 -30.91 17.69 41.39
CA GLY A 347 -30.29 18.83 42.06
C GLY A 347 -31.30 19.68 42.81
N ASP A 348 -31.10 21.00 42.78
CA ASP A 348 -32.03 21.92 43.42
C ASP A 348 -33.23 22.18 42.51
N ASN A 349 -33.19 21.62 41.31
CA ASN A 349 -34.31 21.70 40.39
C ASN A 349 -35.41 20.72 40.81
N GLY A 350 -35.02 19.73 41.60
CA GLY A 350 -35.94 18.70 42.06
C GLY A 350 -36.28 18.82 43.53
N ARG A 351 -35.71 19.81 44.20
CA ARG A 351 -36.03 20.09 45.59
C ARG A 351 -37.19 21.07 45.63
N MET A 352 -38.20 20.76 46.44
CA MET A 352 -39.41 21.56 46.46
C MET A 352 -39.71 22.12 47.83
N VAL A 353 -40.31 23.31 47.84
CA VAL A 353 -40.84 23.90 49.06
C VAL A 353 -42.27 24.34 48.80
N CYS A 354 -43.17 23.99 49.71
CA CYS A 354 -44.57 24.33 49.56
C CYS A 354 -45.02 25.26 50.68
N SER A 355 -45.89 26.20 50.35
CA SER A 355 -46.30 27.23 51.30
C SER A 355 -47.81 27.44 51.34
N ILE A 356 -48.26 27.92 52.50
CA ILE A 356 -49.65 28.29 52.75
C ILE A 356 -49.67 29.61 53.51
N GLN A 357 -50.78 30.35 53.44
CA GLN A 357 -50.92 31.59 54.21
C GLN A 357 -50.79 31.33 55.72
N ASN A 358 -49.80 31.96 56.35
CA ASN A 358 -49.56 31.75 57.77
C ASN A 358 -50.67 32.31 58.64
N GLU A 359 -51.34 33.35 58.16
CA GLU A 359 -52.43 33.98 58.89
C GLU A 359 -53.56 32.98 59.14
N LEU A 360 -53.76 32.06 58.21
CA LEU A 360 -54.78 31.03 58.36
C LEU A 360 -54.41 30.09 59.52
N PRO A 361 -55.42 29.62 60.26
CA PRO A 361 -55.21 28.73 61.41
C PRO A 361 -54.56 27.41 61.01
N PHE A 362 -54.75 27.00 59.76
CA PHE A 362 -54.19 25.74 59.24
C PHE A 362 -52.67 25.79 59.07
N LEU A 363 -52.02 24.66 59.29
CA LEU A 363 -50.59 24.54 59.02
C LEU A 363 -50.25 23.17 58.43
N LEU A 364 -49.29 23.12 57.52
CA LEU A 364 -48.88 21.84 56.96
C LEU A 364 -47.71 21.27 57.74
N LYS A 365 -47.82 19.99 58.08
CA LYS A 365 -46.77 19.30 58.83
C LYS A 365 -46.02 18.33 57.92
N PRO A 366 -44.70 18.45 57.89
CA PRO A 366 -43.82 17.60 57.09
C PRO A 366 -43.69 16.20 57.67
N THR A 367 -44.38 15.24 57.08
CA THR A 367 -44.34 13.87 57.56
C THR A 367 -43.14 13.12 56.96
N PHE A 368 -43.13 12.94 55.64
CA PHE A 368 -42.04 12.19 55.01
C PHE A 368 -41.40 13.01 53.90
N GLU A 369 -40.48 12.39 53.16
CA GLU A 369 -39.83 13.05 52.05
C GLU A 369 -40.89 13.47 51.03
N ASN A 370 -41.10 14.79 50.94
CA ASN A 370 -42.12 15.37 50.07
C ASN A 370 -43.53 14.85 50.39
N TYR A 371 -43.74 14.49 51.64
CA TYR A 371 -45.05 14.08 52.13
C TYR A 371 -45.48 14.96 53.31
N TYR A 372 -46.58 15.69 53.13
CA TYR A 372 -47.04 16.65 54.12
C TYR A 372 -48.52 16.42 54.46
N THR A 373 -48.93 16.85 55.66
CA THR A 373 -50.33 16.76 56.05
C THR A 373 -50.86 18.13 56.48
N LEU A 374 -51.92 18.58 55.79
CA LEU A 374 -52.58 19.83 56.12
C LEU A 374 -53.48 19.64 57.33
N ALA A 375 -53.31 20.49 58.34
CA ALA A 375 -54.06 20.35 59.58
C ALA A 375 -54.37 21.71 60.19
N ALA A 376 -55.42 21.75 61.01
CA ALA A 376 -55.82 22.98 61.69
C ALA A 376 -55.16 23.09 63.05
N GLU A 377 -54.62 24.27 63.34
CA GLU A 377 -53.88 24.49 64.58
C GLU A 377 -54.82 24.96 65.68
N GLY A 378 -55.10 24.04 66.60
CA GLY A 378 -55.99 24.32 67.71
C GLY A 378 -57.43 24.16 67.28
N PRO A 379 -58.37 24.20 68.24
CA PRO A 379 -59.79 24.14 67.92
C PRO A 379 -60.19 25.35 67.08
N LEU A 380 -61.22 25.20 66.26
CA LEU A 380 -61.66 26.30 65.42
C LEU A 380 -63.04 26.78 65.84
N ASP A 381 -63.41 27.99 65.42
CA ASP A 381 -64.73 28.52 65.75
C ASP A 381 -65.58 28.69 64.51
N ARG A 382 -66.84 28.26 64.59
CA ARG A 382 -67.76 28.33 63.46
C ARG A 382 -68.22 29.75 63.15
N GLU A 383 -68.56 30.52 64.19
CA GLU A 383 -69.13 31.85 63.99
C GLU A 383 -68.18 32.82 63.30
N ILE A 384 -66.90 32.79 63.68
CA ILE A 384 -65.92 33.74 63.15
C ILE A 384 -65.72 33.55 61.65
N ARG A 385 -65.56 32.31 61.22
CA ARG A 385 -65.35 32.00 59.82
C ARG A 385 -66.33 30.94 59.31
N GLU A 386 -67.19 31.35 58.38
CA GLU A 386 -68.14 30.42 57.76
C GLU A 386 -67.40 29.43 56.86
N GLU A 387 -66.37 29.90 56.18
CA GLU A 387 -65.60 29.05 55.26
C GLU A 387 -64.16 29.53 55.13
N TYR A 388 -63.32 28.70 54.51
CA TYR A 388 -61.92 29.04 54.27
C TYR A 388 -61.48 28.74 52.84
N ASN A 389 -60.91 29.74 52.18
CA ASN A 389 -60.25 29.54 50.89
C ASN A 389 -58.76 29.27 51.09
N ILE A 390 -58.37 28.03 50.87
CA ILE A 390 -56.99 27.60 51.08
C ILE A 390 -56.31 27.35 49.74
N THR A 391 -55.11 27.89 49.56
CA THR A 391 -54.36 27.64 48.35
C THR A 391 -52.93 27.26 48.66
N ILE A 392 -52.59 25.99 48.43
CA ILE A 392 -51.24 25.53 48.70
C ILE A 392 -50.40 25.70 47.46
N ILE A 393 -49.26 26.38 47.60
CA ILE A 393 -48.41 26.62 46.45
C ILE A 393 -47.02 26.00 46.63
N VAL A 394 -46.71 25.02 45.78
CA VAL A 394 -45.42 24.36 45.83
C VAL A 394 -44.53 24.84 44.68
N SER A 395 -43.29 25.15 45.00
CA SER A 395 -42.34 25.63 44.00
C SER A 395 -40.97 25.02 44.24
N ASP A 396 -40.25 24.71 43.16
CA ASP A 396 -38.92 24.16 43.27
C ASP A 396 -37.90 25.27 43.52
N LEU A 397 -36.66 24.87 43.79
CA LEU A 397 -35.60 25.83 44.06
C LEU A 397 -34.64 25.96 42.89
N GLY A 398 -35.14 25.64 41.69
CA GLY A 398 -34.31 25.67 40.50
C GLY A 398 -34.18 27.05 39.88
N THR A 399 -33.50 27.11 38.74
CA THR A 399 -33.30 28.36 38.01
C THR A 399 -33.68 28.21 36.54
N PRO A 400 -34.81 28.83 36.13
CA PRO A 400 -35.72 29.61 36.98
C PRO A 400 -36.59 28.73 37.87
N ARG A 401 -37.40 29.36 38.72
CA ARG A 401 -38.26 28.60 39.63
C ARG A 401 -39.61 28.28 39.00
N LEU A 402 -39.99 27.01 39.02
CA LEU A 402 -41.27 26.57 38.47
C LEU A 402 -42.28 26.33 39.60
N THR A 403 -43.50 26.81 39.40
CA THR A 403 -44.51 26.74 40.45
C THR A 403 -45.77 25.98 40.05
N THR A 404 -46.40 25.35 41.04
CA THR A 404 -47.66 24.64 40.85
C THR A 404 -48.50 24.88 42.09
N GLN A 405 -49.79 25.11 41.91
CA GLN A 405 -50.66 25.44 43.04
C GLN A 405 -51.99 24.72 42.99
N HIS A 406 -52.48 24.33 44.16
CA HIS A 406 -53.80 23.72 44.24
C HIS A 406 -54.67 24.42 45.28
N THR A 407 -55.92 24.71 44.90
CA THR A 407 -56.85 25.41 45.76
C THR A 407 -57.95 24.48 46.29
N ILE A 408 -58.17 24.53 47.60
CA ILE A 408 -59.24 23.77 48.24
C ILE A 408 -60.00 24.69 49.20
N THR A 409 -61.33 24.58 49.18
CA THR A 409 -62.17 25.40 50.05
C THR A 409 -62.81 24.54 51.12
N VAL A 410 -62.49 24.82 52.38
CA VAL A 410 -62.99 24.01 53.47
C VAL A 410 -64.10 24.72 54.26
N GLN A 411 -65.20 24.02 54.45
CA GLN A 411 -66.34 24.54 55.19
C GLN A 411 -66.36 23.96 56.59
N VAL A 412 -66.10 24.79 57.59
CA VAL A 412 -66.12 24.35 58.96
C VAL A 412 -67.57 24.26 59.44
N VAL A 413 -68.01 23.05 59.75
CA VAL A 413 -69.40 22.81 60.12
C VAL A 413 -69.51 22.24 61.53
N ASP A 414 -70.44 22.77 62.32
CA ASP A 414 -70.70 22.26 63.65
C ASP A 414 -71.37 20.89 63.58
N ILE A 415 -71.31 20.14 64.68
CA ILE A 415 -71.90 18.81 64.74
C ILE A 415 -73.41 18.86 64.51
N ASN A 416 -74.04 19.89 65.09
CA ASN A 416 -75.49 20.08 64.95
C ASN A 416 -75.87 20.48 63.53
N ALA B 2 -37.91 -1.59 54.31
CA ALA B 2 -38.67 -2.05 55.45
C ALA B 2 -39.39 -3.37 55.16
N ILE B 3 -40.33 -3.32 54.23
CA ILE B 3 -41.07 -4.51 53.81
C ILE B 3 -40.94 -4.68 52.30
N ARG B 4 -40.20 -5.69 51.85
CA ARG B 4 -39.97 -5.84 50.41
C ARG B 4 -40.52 -7.15 49.84
N TYR B 5 -41.29 -7.02 48.76
CA TYR B 5 -41.82 -8.17 48.05
C TYR B 5 -41.26 -8.25 46.63
N SER B 6 -41.01 -9.46 46.15
CA SER B 6 -40.42 -9.64 44.82
C SER B 6 -41.41 -10.31 43.86
N ILE B 7 -41.55 -9.73 42.67
CA ILE B 7 -42.38 -10.30 41.63
C ILE B 7 -41.69 -10.19 40.28
N PRO B 8 -41.90 -11.17 39.40
CA PRO B 8 -41.29 -11.13 38.06
C PRO B 8 -41.85 -9.99 37.20
N GLU B 9 -41.05 -9.57 36.23
CA GLU B 9 -41.44 -8.52 35.30
C GLU B 9 -42.59 -8.99 34.39
N GLU B 10 -43.40 -8.05 33.94
CA GLU B 10 -44.48 -8.30 32.98
C GLU B 10 -45.55 -9.28 33.49
N THR B 11 -45.76 -9.29 34.80
CA THR B 11 -46.82 -10.11 35.37
C THR B 11 -48.18 -9.49 35.04
N GLU B 12 -49.13 -10.33 34.65
CA GLU B 12 -50.45 -9.88 34.22
C GLU B 12 -51.17 -9.07 35.29
N SER B 13 -51.95 -8.09 34.86
CA SER B 13 -52.71 -7.24 35.78
C SER B 13 -53.71 -8.04 36.58
N GLY B 14 -53.92 -7.62 37.83
CA GLY B 14 -54.90 -8.26 38.69
C GLY B 14 -54.33 -9.40 39.52
N TYR B 15 -53.07 -9.75 39.29
CA TYR B 15 -52.44 -10.82 40.04
C TYR B 15 -52.15 -10.37 41.47
N LEU B 16 -52.26 -11.31 42.41
CA LEU B 16 -52.06 -10.99 43.82
C LEU B 16 -50.57 -10.96 44.17
N VAL B 17 -50.12 -9.82 44.68
CA VAL B 17 -48.73 -9.66 45.08
C VAL B 17 -48.45 -10.25 46.46
N ALA B 18 -49.16 -9.76 47.48
CA ALA B 18 -48.88 -10.22 48.85
C ALA B 18 -50.00 -9.92 49.84
N HIS B 19 -49.89 -10.50 51.03
CA HIS B 19 -50.84 -10.23 52.11
C HIS B 19 -50.29 -9.18 53.07
N LEU B 20 -50.67 -7.93 52.88
CA LEU B 20 -50.14 -6.83 53.70
C LEU B 20 -50.60 -6.90 55.15
N ALA B 21 -51.88 -7.19 55.33
CA ALA B 21 -52.49 -7.20 56.66
C ALA B 21 -51.80 -8.22 57.57
N LYS B 22 -51.57 -9.41 57.04
CA LYS B 22 -50.90 -10.47 57.80
C LYS B 22 -49.49 -10.09 58.21
N ASP B 23 -48.70 -9.62 57.25
CA ASP B 23 -47.29 -9.35 57.49
C ASP B 23 -47.05 -8.12 58.36
N LEU B 24 -47.84 -7.08 58.17
CA LEU B 24 -47.67 -5.84 58.93
C LEU B 24 -48.15 -5.98 60.37
N GLY B 25 -49.18 -6.81 60.58
CA GLY B 25 -49.57 -7.16 61.93
C GLY B 25 -50.85 -6.54 62.46
N PHE B 26 -51.81 -6.29 61.59
CA PHE B 26 -53.11 -5.79 62.03
C PHE B 26 -54.26 -6.41 61.24
N ARG B 27 -55.47 -6.33 61.82
CA ARG B 27 -56.66 -6.96 61.26
C ARG B 27 -57.20 -6.22 60.04
N VAL B 28 -57.90 -6.93 59.17
CA VAL B 28 -58.50 -6.36 57.97
C VAL B 28 -59.53 -5.27 58.32
N GLY B 29 -60.22 -5.47 59.44
CA GLY B 29 -61.21 -4.51 59.91
C GLY B 29 -60.61 -3.15 60.17
N GLU B 30 -59.37 -3.13 60.65
CA GLU B 30 -58.65 -1.89 60.90
C GLU B 30 -58.36 -1.15 59.60
N LEU B 31 -57.96 -1.90 58.58
CA LEU B 31 -57.66 -1.33 57.27
C LEU B 31 -58.90 -0.77 56.59
N ALA B 32 -60.00 -1.49 56.73
CA ALA B 32 -61.27 -1.04 56.17
C ALA B 32 -61.77 0.21 56.88
N THR B 33 -61.69 0.20 58.21
CA THR B 33 -62.18 1.31 59.02
C THR B 33 -61.37 2.59 58.84
N ARG B 34 -60.04 2.45 58.84
CA ARG B 34 -59.15 3.61 58.75
C ARG B 34 -58.98 4.13 57.33
N ARG B 35 -59.76 3.54 56.41
CA ARG B 35 -59.73 3.92 55.00
C ARG B 35 -58.30 3.89 54.45
N ALA B 36 -57.63 2.76 54.66
CA ALA B 36 -56.25 2.59 54.23
C ALA B 36 -56.12 2.68 52.72
N ARG B 37 -55.23 3.53 52.22
CA ARG B 37 -55.02 3.60 50.77
C ARG B 37 -53.53 3.67 50.42
N ILE B 38 -53.13 2.93 49.38
CA ILE B 38 -51.72 2.91 48.97
C ILE B 38 -51.40 3.91 47.87
N HIS B 39 -50.30 4.63 48.04
CA HIS B 39 -49.91 5.66 47.10
C HIS B 39 -48.44 5.55 46.69
N HIS B 40 -48.22 5.44 45.38
CA HIS B 40 -46.87 5.61 44.84
C HIS B 40 -46.61 7.11 44.77
N ARG B 41 -45.44 7.52 45.23
CA ARG B 41 -45.15 8.94 45.45
C ARG B 41 -45.28 9.82 44.22
N GLY B 42 -44.83 9.32 43.06
CA GLY B 42 -44.83 10.14 41.86
C GLY B 42 -45.77 9.68 40.77
N ASN B 43 -45.27 8.80 39.91
CA ASN B 43 -45.96 8.39 38.69
C ASN B 43 -47.20 7.53 38.90
N LYS B 44 -47.66 6.91 37.83
CA LYS B 44 -48.82 6.02 37.86
C LYS B 44 -48.63 4.88 38.85
N GLU B 45 -49.72 4.43 39.46
CA GLU B 45 -49.64 3.44 40.51
C GLU B 45 -49.91 2.04 39.97
N LEU B 46 -48.94 1.16 40.17
CA LEU B 46 -49.07 -0.24 39.75
C LEU B 46 -49.90 -1.06 40.73
N LEU B 47 -49.84 -0.66 42.00
CA LEU B 47 -50.46 -1.45 43.07
C LEU B 47 -51.83 -0.95 43.53
N GLN B 48 -52.67 -1.89 43.90
CA GLN B 48 -53.97 -1.63 44.52
C GLN B 48 -54.07 -2.40 45.83
N LEU B 49 -54.61 -1.73 46.84
CA LEU B 49 -54.81 -2.34 48.16
C LEU B 49 -56.28 -2.66 48.37
N ASP B 50 -56.62 -3.94 48.25
CA ASP B 50 -57.97 -4.39 48.56
C ASP B 50 -58.14 -4.44 50.06
N VAL B 51 -58.88 -3.46 50.60
CA VAL B 51 -59.07 -3.33 52.03
C VAL B 51 -60.14 -4.28 52.55
N GLU B 52 -60.91 -4.86 51.64
CA GLU B 52 -61.95 -5.82 52.01
C GLU B 52 -61.31 -7.13 52.45
N THR B 53 -60.11 -7.40 51.95
CA THR B 53 -59.39 -8.62 52.30
C THR B 53 -58.02 -8.31 52.91
N GLY B 54 -57.60 -7.06 52.78
CA GLY B 54 -56.30 -6.64 53.28
C GLY B 54 -55.18 -7.07 52.38
N ASN B 55 -55.49 -7.32 51.12
CA ASN B 55 -54.50 -7.83 50.17
C ASN B 55 -53.89 -6.73 49.30
N LEU B 56 -52.70 -7.01 48.77
CA LEU B 56 -52.02 -6.10 47.87
C LEU B 56 -51.79 -6.77 46.52
N LEU B 57 -52.38 -6.21 45.47
CA LEU B 57 -52.32 -6.84 44.15
C LEU B 57 -52.03 -5.83 43.04
N LEU B 58 -51.62 -6.31 41.87
CA LEU B 58 -51.27 -5.43 40.75
C LEU B 58 -52.47 -4.80 40.07
N LYS B 59 -52.25 -3.62 39.49
CA LYS B 59 -53.27 -2.93 38.70
C LYS B 59 -52.89 -2.90 37.22
N GLU B 60 -51.59 -2.89 36.96
CA GLU B 60 -51.09 -2.81 35.60
C GLU B 60 -49.88 -3.73 35.45
N LYS B 61 -49.61 -4.12 34.21
CA LYS B 61 -48.48 -4.98 33.91
C LYS B 61 -47.18 -4.19 33.99
N PRO B 62 -46.29 -4.59 34.92
CA PRO B 62 -45.04 -3.87 35.20
C PRO B 62 -43.92 -4.22 34.21
N ASP B 63 -43.37 -3.20 33.56
CA ASP B 63 -42.26 -3.40 32.65
C ASP B 63 -40.96 -2.88 33.25
N ARG B 64 -40.04 -3.80 33.52
CA ARG B 64 -38.78 -3.47 34.17
C ARG B 64 -37.98 -2.44 33.37
N GLU B 65 -37.81 -2.71 32.08
CA GLU B 65 -36.97 -1.88 31.23
C GLU B 65 -37.52 -0.47 31.03
N ALA B 66 -38.76 -0.24 31.44
CA ALA B 66 -39.39 1.05 31.27
C ALA B 66 -39.56 1.81 32.59
N LEU B 67 -39.33 1.11 33.71
CA LEU B 67 -39.50 1.72 35.02
C LEU B 67 -38.17 1.86 35.76
N CYS B 68 -37.19 1.05 35.39
CA CYS B 68 -35.87 1.09 36.02
C CYS B 68 -34.76 1.20 34.98
N GLY B 69 -34.89 0.43 33.90
CA GLY B 69 -33.90 0.44 32.83
C GLY B 69 -32.63 -0.28 33.22
N ALA B 70 -31.53 0.48 33.25
CA ALA B 70 -30.22 -0.07 33.56
C ALA B 70 -30.03 -0.35 35.05
N THR B 71 -30.60 0.51 35.89
CA THR B 71 -30.41 0.41 37.33
C THR B 71 -30.93 -0.91 37.90
N GLU B 72 -30.10 -1.55 38.72
CA GLU B 72 -30.45 -2.82 39.33
C GLU B 72 -29.94 -2.91 40.77
N PRO B 73 -30.71 -3.55 41.67
CA PRO B 73 -32.01 -4.18 41.43
C PRO B 73 -33.14 -3.17 41.25
N CYS B 74 -34.17 -3.56 40.52
CA CYS B 74 -35.32 -2.69 40.28
C CYS B 74 -36.26 -2.68 41.48
N VAL B 75 -36.17 -1.64 42.30
CA VAL B 75 -37.01 -1.53 43.49
C VAL B 75 -37.88 -0.26 43.43
N LEU B 76 -39.18 -0.44 43.59
CA LEU B 76 -40.10 0.70 43.62
C LEU B 76 -40.61 0.97 45.03
N HIS B 77 -40.71 2.25 45.38
CA HIS B 77 -41.08 2.65 46.72
C HIS B 77 -42.51 3.16 46.82
N PHE B 78 -43.33 2.47 47.62
CA PHE B 78 -44.72 2.82 47.81
C PHE B 78 -44.97 3.18 49.27
N GLN B 79 -45.89 4.12 49.49
CA GLN B 79 -46.30 4.46 50.84
C GLN B 79 -47.79 4.22 51.04
N ILE B 80 -48.12 3.30 51.94
CA ILE B 80 -49.52 3.07 52.26
C ILE B 80 -49.88 3.96 53.46
N ILE B 81 -51.08 4.55 53.41
CA ILE B 81 -51.49 5.52 54.42
C ILE B 81 -52.78 5.13 55.15
N LEU B 82 -52.80 5.47 56.43
CA LEU B 82 -53.95 5.29 57.31
C LEU B 82 -54.45 6.66 57.75
N GLU B 83 -55.75 6.89 57.65
CA GLU B 83 -56.31 8.22 57.84
C GLU B 83 -56.30 8.69 59.30
N ASN B 84 -56.91 7.94 60.20
CA ASN B 84 -57.05 8.40 61.58
C ASN B 84 -56.59 7.38 62.64
N PRO B 85 -55.46 7.66 63.29
CA PRO B 85 -54.59 8.82 63.04
C PRO B 85 -53.76 8.66 61.77
N VAL B 86 -53.23 9.76 61.25
CA VAL B 86 -52.41 9.71 60.05
C VAL B 86 -51.17 8.84 60.27
N GLN B 87 -51.03 7.79 59.47
CA GLN B 87 -49.90 6.88 59.63
C GLN B 87 -49.38 6.38 58.30
N PHE B 88 -48.06 6.29 58.20
CA PHE B 88 -47.40 5.88 56.97
C PHE B 88 -46.65 4.57 57.15
N PHE B 89 -46.84 3.65 56.21
CA PHE B 89 -46.03 2.44 56.16
C PHE B 89 -45.36 2.32 54.79
N GLN B 90 -44.07 2.03 54.78
CA GLN B 90 -43.32 1.95 53.53
C GLN B 90 -43.20 0.51 53.04
N THR B 91 -43.51 0.30 51.77
CA THR B 91 -43.40 -1.02 51.17
C THR B 91 -42.65 -0.92 49.83
N GLU B 92 -41.87 -1.94 49.51
CA GLU B 92 -41.03 -1.93 48.31
C GLU B 92 -41.32 -3.10 47.38
N LEU B 93 -41.32 -2.83 46.07
CA LEU B 93 -41.57 -3.86 45.08
C LEU B 93 -40.36 -4.09 44.18
N GLN B 94 -39.78 -5.28 44.29
CA GLN B 94 -38.65 -5.67 43.48
C GLN B 94 -39.10 -6.44 42.24
N LEU B 95 -38.76 -5.90 41.08
CA LEU B 95 -39.10 -6.55 39.82
C LEU B 95 -37.95 -7.43 39.33
N THR B 96 -38.21 -8.72 39.23
CA THR B 96 -37.21 -9.66 38.73
C THR B 96 -37.15 -9.56 37.22
N ASP B 97 -35.94 -9.48 36.66
CA ASP B 97 -35.78 -9.37 35.22
C ASP B 97 -36.05 -10.68 34.53
N ILE B 98 -36.90 -10.64 33.50
CA ILE B 98 -37.18 -11.81 32.69
C ILE B 98 -36.75 -11.57 31.25
N ASN B 99 -36.16 -12.58 30.64
CA ASN B 99 -35.62 -12.47 29.28
C ASN B 99 -36.72 -12.34 28.22
N ASP B 100 -37.15 -11.11 27.96
CA ASP B 100 -38.21 -10.86 26.99
C ASP B 100 -37.74 -9.98 25.84
N HIS B 101 -36.41 -9.94 25.63
CA HIS B 101 -35.83 -9.19 24.52
C HIS B 101 -34.72 -9.98 23.84
N SER B 102 -34.77 -10.06 22.51
CA SER B 102 -33.73 -10.76 21.76
C SER B 102 -32.60 -9.80 21.39
N PRO B 103 -31.35 -10.27 21.49
CA PRO B 103 -30.21 -9.48 21.04
C PRO B 103 -30.36 -9.09 19.58
N GLU B 104 -30.16 -7.81 19.25
CA GLU B 104 -30.30 -7.36 17.87
C GLU B 104 -29.19 -6.38 17.50
N PHE B 105 -28.75 -6.44 16.24
CA PHE B 105 -27.69 -5.55 15.77
C PHE B 105 -28.27 -4.35 15.03
N PRO B 106 -27.77 -3.14 15.36
CA PRO B 106 -28.23 -1.88 14.76
C PRO B 106 -28.06 -1.86 13.25
N ASP B 107 -26.90 -2.27 12.77
CA ASP B 107 -26.63 -2.34 11.35
C ASP B 107 -26.66 -3.78 10.88
N THR B 108 -27.39 -4.03 9.79
CA THR B 108 -27.52 -5.39 9.25
C THR B 108 -26.17 -5.97 8.83
N GLU B 109 -25.28 -5.12 8.33
CA GLU B 109 -23.96 -5.56 7.91
C GLU B 109 -22.88 -4.51 8.22
N MET B 110 -21.72 -4.98 8.64
CA MET B 110 -20.59 -4.08 8.91
C MET B 110 -19.45 -4.35 7.94
N LEU B 111 -18.87 -3.29 7.39
CA LEU B 111 -17.79 -3.43 6.43
C LEU B 111 -16.44 -3.18 7.11
N LEU B 112 -15.50 -4.11 6.88
CA LEU B 112 -14.15 -3.97 7.43
C LEU B 112 -13.12 -3.98 6.30
N LYS B 113 -12.11 -3.13 6.42
CA LYS B 113 -11.01 -3.14 5.48
C LYS B 113 -9.73 -3.53 6.21
N ILE B 114 -9.23 -4.73 5.92
CA ILE B 114 -8.02 -5.24 6.56
C ILE B 114 -6.96 -5.55 5.51
N GLN B 115 -5.83 -4.83 5.58
CA GLN B 115 -4.78 -4.99 4.57
C GLN B 115 -4.20 -6.39 4.57
N GLU B 116 -3.73 -6.80 3.40
CA GLU B 116 -3.16 -8.13 3.19
C GLU B 116 -1.97 -8.39 4.11
N SER B 117 -1.22 -7.34 4.41
CA SER B 117 0.00 -7.47 5.21
C SER B 117 -0.24 -7.42 6.71
N THR B 118 -1.46 -7.72 7.12
CA THR B 118 -1.80 -7.69 8.54
C THR B 118 -1.25 -8.92 9.25
N GLN B 119 -0.53 -8.69 10.33
CA GLN B 119 0.05 -9.77 11.11
C GLN B 119 -0.99 -10.47 11.96
N PRO B 120 -0.78 -11.77 12.26
CA PRO B 120 -1.69 -12.52 13.12
C PRO B 120 -1.75 -11.98 14.55
N ALA B 121 -2.71 -12.47 15.33
CA ALA B 121 -2.92 -12.09 16.72
C ALA B 121 -3.37 -10.63 16.89
N THR B 122 -3.53 -9.93 15.78
CA THR B 122 -4.03 -8.56 15.81
C THR B 122 -5.54 -8.58 16.04
N VAL B 123 -6.03 -7.66 16.86
CA VAL B 123 -7.43 -7.67 17.25
C VAL B 123 -8.21 -6.50 16.62
N PHE B 124 -9.46 -6.77 16.26
CA PHE B 124 -10.34 -5.75 15.70
C PHE B 124 -11.61 -5.63 16.54
N LEU B 125 -12.13 -4.41 16.65
CA LEU B 125 -13.31 -4.18 17.46
C LEU B 125 -14.55 -4.11 16.58
N LEU B 126 -15.61 -4.80 16.99
CA LEU B 126 -16.86 -4.84 16.22
C LEU B 126 -18.02 -4.27 17.02
N LYS B 127 -19.05 -3.81 16.30
CA LYS B 127 -20.23 -3.24 16.95
C LYS B 127 -20.96 -4.32 17.75
N ALA B 128 -21.62 -3.91 18.83
CA ALA B 128 -22.27 -4.85 19.73
C ALA B 128 -23.79 -4.90 19.56
N ALA B 129 -24.37 -6.04 19.90
CA ALA B 129 -25.82 -6.23 19.83
C ALA B 129 -26.49 -5.63 21.05
N GLN B 130 -27.50 -4.81 20.82
CA GLN B 130 -28.20 -4.12 21.91
C GLN B 130 -29.22 -5.04 22.56
N ASP B 131 -29.20 -5.06 23.89
CA ASP B 131 -30.16 -5.86 24.64
C ASP B 131 -30.69 -5.05 25.82
N SER B 132 -32.01 -5.01 25.96
CA SER B 132 -32.64 -4.28 27.05
C SER B 132 -32.52 -5.00 28.38
N ASP B 133 -32.51 -6.34 28.32
CA ASP B 133 -32.42 -7.16 29.53
C ASP B 133 -31.08 -7.00 30.21
N ILE B 134 -30.98 -7.51 31.44
CA ILE B 134 -29.75 -7.41 32.21
C ILE B 134 -29.35 -8.74 32.82
N GLY B 135 -28.17 -8.78 33.43
CA GLY B 135 -27.69 -9.94 34.15
C GLY B 135 -27.51 -11.18 33.29
N SER B 136 -28.12 -12.27 33.73
CA SER B 136 -28.06 -13.53 33.01
C SER B 136 -28.92 -13.46 31.75
N ASN B 137 -29.89 -12.55 31.75
CA ASN B 137 -30.79 -12.39 30.61
C ASN B 137 -30.24 -11.46 29.55
N ALA B 138 -29.07 -10.88 29.82
CA ALA B 138 -28.42 -10.00 28.86
C ALA B 138 -27.54 -10.80 27.92
N VAL B 139 -26.85 -10.10 27.01
CA VAL B 139 -25.91 -10.73 26.10
C VAL B 139 -24.84 -11.45 26.90
N GLN B 140 -24.60 -12.71 26.57
CA GLN B 140 -23.69 -13.54 27.36
C GLN B 140 -22.62 -14.20 26.50
N ASN B 141 -22.90 -14.36 25.20
CA ASN B 141 -21.95 -15.04 24.32
C ASN B 141 -21.92 -14.45 22.91
N TYR B 142 -20.79 -14.58 22.23
CA TYR B 142 -20.67 -14.20 20.83
C TYR B 142 -20.03 -15.32 20.02
N THR B 143 -20.69 -15.73 18.95
CA THR B 143 -20.15 -16.78 18.08
C THR B 143 -20.15 -16.34 16.62
N VAL B 144 -19.10 -16.69 15.90
CA VAL B 144 -19.00 -16.36 14.48
C VAL B 144 -19.09 -17.64 13.66
N SER B 145 -19.59 -17.52 12.43
CA SER B 145 -19.63 -18.65 11.51
C SER B 145 -18.24 -19.23 11.30
N PRO B 146 -18.12 -20.57 11.34
CA PRO B 146 -16.85 -21.29 11.26
C PRO B 146 -15.99 -20.89 10.06
N ASN B 147 -14.75 -20.47 10.33
CA ASN B 147 -13.83 -20.05 9.29
C ASN B 147 -12.38 -20.38 9.64
N LEU B 148 -11.53 -20.38 8.62
CA LEU B 148 -10.13 -20.74 8.78
C LEU B 148 -9.26 -19.65 9.42
N HIS B 149 -9.51 -18.39 9.03
CA HIS B 149 -8.64 -17.28 9.40
C HIS B 149 -8.88 -16.69 10.79
N PHE B 150 -10.13 -16.39 11.10
CA PHE B 150 -10.46 -15.65 12.32
C PHE B 150 -11.11 -16.51 13.39
N HIS B 151 -11.27 -15.93 14.57
CA HIS B 151 -12.11 -16.48 15.63
C HIS B 151 -12.59 -15.32 16.50
N VAL B 152 -13.74 -15.49 17.15
CA VAL B 152 -14.35 -14.40 17.91
C VAL B 152 -14.19 -14.60 19.42
N VAL B 153 -13.81 -13.52 20.10
CA VAL B 153 -13.65 -13.55 21.55
C VAL B 153 -14.53 -12.50 22.20
N THR B 154 -15.32 -12.91 23.18
CA THR B 154 -16.23 -11.99 23.86
C THR B 154 -15.56 -11.38 25.08
N LEU B 155 -15.28 -10.08 25.01
CA LEU B 155 -14.64 -9.41 26.13
C LEU B 155 -15.67 -8.80 27.07
N SER B 156 -15.54 -9.11 28.36
CA SER B 156 -16.48 -8.66 29.38
C SER B 156 -16.07 -7.33 29.99
N ARG B 157 -15.21 -6.59 29.29
CA ARG B 157 -14.78 -5.28 29.75
C ARG B 157 -15.94 -4.28 29.74
N SER B 158 -15.60 -3.02 30.03
CA SER B 158 -16.57 -1.92 30.16
C SER B 158 -17.41 -2.07 31.43
N ASP B 159 -17.99 -0.97 31.87
CA ASP B 159 -18.75 -0.92 33.12
C ASP B 159 -19.93 -1.89 33.11
N GLY B 160 -20.62 -1.98 31.98
CA GLY B 160 -21.77 -2.86 31.87
C GLY B 160 -21.74 -3.73 30.64
N ARG B 161 -22.28 -4.94 30.78
CA ARG B 161 -22.41 -5.89 29.67
C ARG B 161 -21.06 -6.27 29.06
N LYS B 162 -21.10 -6.90 27.90
CA LYS B 162 -19.89 -7.37 27.24
C LYS B 162 -19.94 -7.13 25.73
N TYR B 163 -18.78 -6.94 25.12
CA TYR B 163 -18.71 -6.63 23.70
C TYR B 163 -17.93 -7.69 22.91
N PRO B 164 -18.19 -7.78 21.58
CA PRO B 164 -17.50 -8.75 20.73
C PRO B 164 -16.19 -8.22 20.14
N GLU B 165 -15.15 -9.04 20.16
CA GLU B 165 -13.87 -8.70 19.54
C GLU B 165 -13.47 -9.79 18.55
N LEU B 166 -12.82 -9.38 17.46
CA LEU B 166 -12.39 -10.34 16.44
C LEU B 166 -10.88 -10.54 16.46
N VAL B 167 -10.45 -11.80 16.43
CA VAL B 167 -9.03 -12.12 16.52
C VAL B 167 -8.58 -12.93 15.30
N LEU B 168 -7.42 -12.56 14.77
CA LEU B 168 -6.86 -13.22 13.59
C LEU B 168 -5.75 -14.21 13.95
N ASP B 169 -5.89 -15.44 13.47
CA ASP B 169 -4.90 -16.48 13.76
C ASP B 169 -4.07 -16.84 12.53
N ARG B 170 -4.67 -16.73 11.35
CA ARG B 170 -4.00 -17.10 10.12
C ARG B 170 -3.83 -15.91 9.17
N ALA B 171 -2.60 -15.71 8.69
CA ALA B 171 -2.28 -14.56 7.85
C ALA B 171 -3.14 -14.52 6.60
N LEU B 172 -3.43 -13.32 6.11
CA LEU B 172 -4.34 -13.15 4.98
C LEU B 172 -3.60 -12.95 3.67
N ASP B 173 -4.22 -13.42 2.58
CA ASP B 173 -3.67 -13.23 1.24
C ASP B 173 -4.80 -12.86 0.28
N ARG B 174 -4.63 -11.74 -0.42
CA ARG B 174 -5.66 -11.26 -1.33
C ARG B 174 -5.74 -12.09 -2.60
N GLU B 175 -4.62 -12.71 -2.96
CA GLU B 175 -4.53 -13.47 -4.21
C GLU B 175 -5.45 -14.68 -4.19
N GLU B 176 -5.65 -15.26 -3.01
CA GLU B 176 -6.55 -16.41 -2.87
C GLU B 176 -7.98 -15.93 -2.61
N GLN B 177 -8.14 -15.05 -1.63
CA GLN B 177 -9.46 -14.51 -1.31
C GLN B 177 -9.42 -12.99 -1.24
N PRO B 178 -10.08 -12.33 -2.20
CA PRO B 178 -10.16 -10.86 -2.26
C PRO B 178 -10.95 -10.29 -1.09
N GLU B 179 -12.07 -10.95 -0.78
CA GLU B 179 -12.91 -10.55 0.34
C GLU B 179 -13.50 -11.77 1.03
N LEU B 180 -13.78 -11.63 2.32
CA LEU B 180 -14.38 -12.71 3.09
C LEU B 180 -15.70 -12.24 3.69
N THR B 181 -16.63 -13.17 3.88
CA THR B 181 -17.93 -12.85 4.47
C THR B 181 -18.26 -13.82 5.60
N LEU B 182 -18.59 -13.27 6.76
CA LEU B 182 -18.85 -14.07 7.95
C LEU B 182 -20.19 -13.73 8.58
N ILE B 183 -20.69 -14.63 9.41
CA ILE B 183 -21.95 -14.41 10.11
C ILE B 183 -21.73 -14.28 11.62
N LEU B 184 -22.00 -13.09 12.14
CA LEU B 184 -21.81 -12.83 13.56
C LEU B 184 -23.12 -13.00 14.31
N THR B 185 -23.10 -13.82 15.35
CA THR B 185 -24.29 -14.14 16.13
C THR B 185 -24.12 -13.85 17.62
N ALA B 186 -25.09 -13.15 18.19
CA ALA B 186 -25.09 -12.84 19.61
C ALA B 186 -26.03 -13.75 20.39
N LEU B 187 -25.48 -14.51 21.32
CA LEU B 187 -26.25 -15.47 22.10
C LEU B 187 -26.57 -14.95 23.49
N ASP B 188 -27.85 -14.98 23.80
CA ASP B 188 -28.37 -14.56 25.10
C ASP B 188 -28.05 -15.62 26.16
N GLY B 189 -28.00 -15.20 27.42
CA GLY B 189 -27.67 -16.11 28.49
C GLY B 189 -28.87 -16.87 29.05
N GLY B 190 -30.06 -16.38 28.72
CA GLY B 190 -31.29 -16.99 29.19
C GLY B 190 -31.53 -18.38 28.64
N ALA B 191 -32.52 -19.07 29.21
CA ALA B 191 -32.89 -20.41 28.75
C ALA B 191 -34.34 -20.45 28.30
N PRO B 192 -34.59 -20.67 27.00
CA PRO B 192 -33.57 -20.85 25.96
C PRO B 192 -32.97 -19.54 25.49
N PRO B 193 -31.72 -19.57 24.99
CA PRO B 193 -31.05 -18.35 24.52
C PRO B 193 -31.75 -17.75 23.31
N LYS B 194 -31.61 -16.44 23.14
CA LYS B 194 -32.18 -15.76 21.98
C LYS B 194 -31.07 -15.30 21.04
N SER B 195 -31.33 -15.39 19.74
CA SER B 195 -30.31 -15.12 18.73
C SER B 195 -30.38 -13.70 18.21
N GLY B 196 -29.29 -13.27 17.57
CA GLY B 196 -29.20 -11.97 16.94
C GLY B 196 -28.05 -11.96 15.95
N THR B 197 -28.38 -12.00 14.67
CA THR B 197 -27.35 -12.14 13.64
C THR B 197 -27.08 -10.86 12.86
N THR B 198 -25.86 -10.76 12.34
CA THR B 198 -25.46 -9.64 11.49
C THR B 198 -24.34 -10.10 10.57
N THR B 199 -24.21 -9.44 9.42
CA THR B 199 -23.22 -9.84 8.43
C THR B 199 -21.93 -9.06 8.62
N VAL B 200 -20.81 -9.77 8.69
CA VAL B 200 -19.51 -9.13 8.77
C VAL B 200 -18.78 -9.29 7.44
N ARG B 201 -18.48 -8.18 6.79
CA ARG B 201 -17.83 -8.21 5.49
C ARG B 201 -16.41 -7.67 5.58
N ILE B 202 -15.44 -8.56 5.38
CA ILE B 202 -14.03 -8.19 5.48
C ILE B 202 -13.42 -8.02 4.09
N GLU B 203 -12.86 -6.84 3.85
CA GLU B 203 -12.26 -6.53 2.56
C GLU B 203 -10.74 -6.48 2.64
N VAL B 204 -10.08 -7.43 1.98
CA VAL B 204 -8.63 -7.46 2.00
C VAL B 204 -8.07 -6.37 1.09
N VAL B 205 -7.17 -5.55 1.64
CA VAL B 205 -6.57 -4.46 0.90
C VAL B 205 -5.29 -4.92 0.21
N ASP B 206 -5.17 -4.62 -1.08
CA ASP B 206 -4.00 -5.05 -1.84
C ASP B 206 -2.75 -4.31 -1.42
N ILE B 207 -1.70 -5.07 -1.14
CA ILE B 207 -0.39 -4.50 -0.85
C ILE B 207 0.64 -5.11 -1.81
N ASN B 208 1.81 -4.50 -1.86
CA ASN B 208 2.84 -4.93 -2.79
C ASN B 208 3.73 -6.03 -2.20
N ASP B 209 3.36 -7.28 -2.44
CA ASP B 209 4.11 -8.42 -1.89
C ASP B 209 4.46 -9.43 -2.98
N ASN B 210 4.05 -9.16 -4.21
CA ASN B 210 4.36 -10.03 -5.34
C ASN B 210 5.14 -9.28 -6.41
N ALA B 211 6.35 -9.74 -6.67
CA ALA B 211 7.23 -9.11 -7.66
C ALA B 211 6.77 -9.43 -9.08
N PRO B 212 6.95 -8.47 -10.01
CA PRO B 212 6.60 -8.72 -11.41
C PRO B 212 7.49 -9.80 -12.02
N GLU B 213 6.87 -10.77 -12.69
CA GLU B 213 7.62 -11.87 -13.30
C GLU B 213 7.44 -11.84 -14.82
N PHE B 214 8.49 -12.25 -15.54
CA PHE B 214 8.46 -12.21 -16.99
C PHE B 214 7.83 -13.47 -17.56
N VAL B 215 7.05 -13.31 -18.62
CA VAL B 215 6.38 -14.42 -19.28
C VAL B 215 7.41 -15.44 -19.76
N GLN B 216 8.46 -14.96 -20.41
CA GLN B 216 9.52 -15.82 -20.90
C GLN B 216 10.87 -15.37 -20.33
N SER B 217 11.63 -16.33 -19.81
CA SER B 217 12.92 -16.05 -19.19
C SER B 217 13.96 -15.50 -20.16
N LEU B 218 13.94 -16.00 -21.39
CA LEU B 218 14.92 -15.62 -22.41
C LEU B 218 14.26 -15.31 -23.74
N TYR B 219 14.81 -14.33 -24.45
CA TYR B 219 14.29 -13.97 -25.77
C TYR B 219 15.41 -14.04 -26.82
N SER B 220 15.22 -14.87 -27.84
CA SER B 220 16.18 -14.95 -28.92
C SER B 220 15.54 -14.55 -30.24
N VAL B 221 15.93 -13.40 -30.76
CA VAL B 221 15.37 -12.90 -32.01
C VAL B 221 16.49 -12.41 -32.93
N GLU B 222 16.28 -12.57 -34.24
CA GLU B 222 17.30 -12.21 -35.22
C GLU B 222 16.83 -11.03 -36.07
N VAL B 223 17.73 -10.07 -36.26
CA VAL B 223 17.40 -8.87 -37.02
C VAL B 223 18.49 -8.56 -38.06
N PRO B 224 18.09 -8.33 -39.32
CA PRO B 224 19.02 -7.97 -40.39
C PRO B 224 19.72 -6.65 -40.11
N GLU B 225 20.90 -6.45 -40.70
CA GLU B 225 21.71 -5.28 -40.43
C GLU B 225 21.22 -4.03 -41.17
N ASN B 226 20.22 -4.18 -42.03
CA ASN B 226 19.71 -3.05 -42.81
C ASN B 226 18.31 -2.62 -42.40
N SER B 227 17.91 -2.97 -41.18
CA SER B 227 16.59 -2.58 -40.67
C SER B 227 16.53 -1.08 -40.39
N PRO B 228 15.37 -0.46 -40.69
CA PRO B 228 15.16 0.98 -40.46
C PRO B 228 15.30 1.34 -38.98
N LEU B 229 15.51 2.62 -38.68
CA LEU B 229 15.72 3.06 -37.31
C LEU B 229 14.53 2.76 -36.41
N ASP B 230 13.32 2.90 -36.93
CA ASP B 230 12.13 2.52 -36.18
C ASP B 230 11.62 1.16 -36.63
N ALA B 231 12.15 0.11 -36.01
CA ALA B 231 11.75 -1.26 -36.34
C ALA B 231 11.60 -2.08 -35.07
N LEU B 232 10.50 -2.80 -34.97
CA LEU B 232 10.21 -3.61 -33.78
C LEU B 232 11.06 -4.87 -33.74
N VAL B 233 12.07 -4.87 -32.88
CA VAL B 233 12.94 -6.02 -32.71
C VAL B 233 12.20 -7.14 -32.00
N VAL B 234 11.82 -6.88 -30.76
CA VAL B 234 11.07 -7.83 -29.95
C VAL B 234 10.30 -7.06 -28.88
N THR B 235 9.13 -7.57 -28.53
CA THR B 235 8.32 -7.01 -27.45
C THR B 235 8.29 -7.97 -26.27
N VAL B 236 8.82 -7.53 -25.14
CA VAL B 236 8.84 -8.34 -23.93
C VAL B 236 7.77 -7.87 -22.95
N SER B 237 7.14 -8.81 -22.26
CA SER B 237 6.06 -8.46 -21.33
C SER B 237 6.19 -9.21 -20.00
N ALA B 238 5.69 -8.57 -18.95
CA ALA B 238 5.70 -9.18 -17.63
C ALA B 238 4.34 -9.01 -16.96
N ARG B 239 4.04 -9.90 -16.02
CA ARG B 239 2.75 -9.91 -15.35
C ARG B 239 2.94 -9.74 -13.86
N ASP B 240 2.04 -8.96 -13.24
CA ASP B 240 2.08 -8.73 -11.80
C ASP B 240 0.81 -9.24 -11.14
N LEU B 241 0.98 -10.03 -10.08
CA LEU B 241 -0.18 -10.59 -9.37
C LEU B 241 -0.99 -9.51 -8.67
N ASP B 242 -0.31 -8.45 -8.25
CA ASP B 242 -0.96 -7.35 -7.55
C ASP B 242 -1.80 -6.50 -8.50
N ALA B 243 -2.62 -5.62 -7.93
CA ALA B 243 -3.48 -4.76 -8.72
C ALA B 243 -3.22 -3.29 -8.41
N GLY B 244 -3.83 -2.40 -9.18
CA GLY B 244 -3.67 -0.97 -8.98
C GLY B 244 -2.27 -0.47 -9.30
N ILE B 245 -1.73 0.37 -8.43
CA ILE B 245 -0.40 0.92 -8.63
C ILE B 245 0.65 -0.14 -8.31
N HIS B 246 0.26 -1.17 -7.58
CA HIS B 246 1.16 -2.26 -7.25
C HIS B 246 1.20 -3.30 -8.37
N GLY B 247 0.36 -3.12 -9.37
CA GLY B 247 0.28 -4.05 -10.48
C GLY B 247 0.89 -3.50 -11.76
N ASN B 248 1.02 -2.18 -11.85
CA ASN B 248 1.63 -1.53 -13.01
C ASN B 248 3.11 -1.84 -13.10
N VAL B 249 3.58 -2.06 -14.32
CA VAL B 249 4.95 -2.48 -14.55
C VAL B 249 5.73 -1.44 -15.37
N ALA B 250 6.96 -1.16 -14.93
CA ALA B 250 7.82 -0.24 -15.66
C ALA B 250 8.99 -0.99 -16.28
N TYR B 251 9.17 -0.83 -17.60
CA TYR B 251 10.23 -1.53 -18.31
C TYR B 251 11.44 -0.64 -18.55
N SER B 252 12.62 -1.11 -18.17
CA SER B 252 13.86 -0.42 -18.51
C SER B 252 14.95 -1.41 -18.87
N LEU B 253 15.84 -1.01 -19.79
CA LEU B 253 16.85 -1.94 -20.30
C LEU B 253 18.23 -1.70 -19.71
N PHE B 254 18.99 -2.77 -19.59
CA PHE B 254 20.38 -2.72 -19.19
C PHE B 254 21.23 -3.33 -20.30
N GLN B 255 21.90 -2.46 -21.05
CA GLN B 255 22.81 -2.90 -22.09
C GLN B 255 24.08 -3.45 -21.46
N GLY B 256 24.89 -4.15 -22.26
CA GLY B 256 26.13 -4.71 -21.78
C GLY B 256 27.07 -3.64 -21.25
N GLY B 257 27.96 -4.05 -20.35
CA GLY B 257 28.93 -3.14 -19.77
C GLY B 257 29.83 -2.52 -20.83
N GLY B 258 30.24 -3.32 -21.80
CA GLY B 258 31.10 -2.84 -22.87
C GLY B 258 30.35 -2.45 -24.12
N GLY B 259 30.65 -1.26 -24.63
CA GLY B 259 30.11 -0.82 -25.91
C GLY B 259 28.67 -0.36 -25.84
N PRO B 260 28.40 0.83 -26.39
CA PRO B 260 27.03 1.35 -26.47
C PRO B 260 26.20 0.54 -27.45
N GLN B 261 24.89 0.51 -27.25
CA GLN B 261 24.01 -0.27 -28.12
C GLN B 261 22.96 0.63 -28.75
N PRO B 262 22.54 0.29 -29.98
CA PRO B 262 21.51 1.06 -30.68
C PRO B 262 20.09 0.58 -30.36
N PHE B 263 19.90 0.07 -29.14
CA PHE B 263 18.59 -0.41 -28.71
C PHE B 263 17.95 0.52 -27.67
N VAL B 264 16.65 0.73 -27.81
CA VAL B 264 15.90 1.55 -26.86
C VAL B 264 14.57 0.87 -26.55
N ILE B 265 14.15 0.95 -25.30
CA ILE B 265 12.94 0.28 -24.86
C ILE B 265 11.90 1.30 -24.41
N ASP B 266 10.63 0.94 -24.53
CA ASP B 266 9.55 1.81 -24.05
C ASP B 266 9.15 1.41 -22.64
N GLU B 267 8.97 2.41 -21.77
CA GLU B 267 8.64 2.18 -20.37
C GLU B 267 7.32 1.44 -20.19
N ILE B 268 6.32 1.80 -21.00
CA ILE B 268 4.97 1.25 -20.83
C ILE B 268 4.76 -0.05 -21.57
N THR B 269 4.99 -0.03 -22.89
CA THR B 269 4.67 -1.17 -23.75
C THR B 269 5.72 -2.29 -23.69
N GLY B 270 6.97 -1.92 -23.42
CA GLY B 270 8.05 -2.89 -23.38
C GLY B 270 8.48 -3.32 -24.77
N GLU B 271 8.34 -2.41 -25.73
CA GLU B 271 8.73 -2.67 -27.10
C GLU B 271 10.16 -2.22 -27.32
N ILE B 272 11.00 -3.15 -27.74
CA ILE B 272 12.39 -2.84 -28.04
C ILE B 272 12.54 -2.42 -29.49
N ARG B 273 13.01 -1.20 -29.72
CA ARG B 273 13.20 -0.69 -31.07
C ARG B 273 14.64 -0.21 -31.27
N LEU B 274 15.03 -0.03 -32.53
CA LEU B 274 16.38 0.43 -32.84
C LEU B 274 16.56 1.92 -32.56
N LYS B 275 17.76 2.27 -32.09
CA LYS B 275 18.09 3.66 -31.82
C LYS B 275 19.17 4.12 -32.79
N GLY B 276 19.56 3.22 -33.69
CA GLY B 276 20.59 3.50 -34.67
C GLY B 276 20.74 2.39 -35.70
N ALA B 277 21.76 2.52 -36.54
CA ALA B 277 22.02 1.52 -37.57
C ALA B 277 22.88 0.38 -37.04
N LEU B 278 22.83 -0.77 -37.73
CA LEU B 278 23.60 -1.94 -37.34
C LEU B 278 24.65 -2.29 -38.38
N ASP B 279 25.53 -3.23 -38.03
CA ASP B 279 26.55 -3.72 -38.95
C ASP B 279 27.10 -5.06 -38.46
N PHE B 280 26.97 -6.08 -39.29
CA PHE B 280 27.40 -7.44 -38.92
C PHE B 280 28.91 -7.52 -38.81
N GLU B 281 29.61 -6.73 -39.62
CA GLU B 281 31.07 -6.73 -39.63
C GLU B 281 31.63 -6.10 -38.37
N ALA B 282 30.88 -5.17 -37.79
CA ALA B 282 31.30 -4.49 -36.58
C ALA B 282 30.93 -5.29 -35.34
N THR B 283 29.63 -5.50 -35.13
CA THR B 283 29.14 -6.25 -33.99
C THR B 283 28.30 -7.44 -34.43
N SER B 284 28.74 -8.65 -34.07
CA SER B 284 28.07 -9.87 -34.52
C SER B 284 26.93 -10.30 -33.60
N TYR B 285 26.97 -9.86 -32.36
CA TYR B 285 25.96 -10.28 -31.39
C TYR B 285 25.77 -9.23 -30.30
N TYR B 286 24.55 -9.12 -29.81
CA TYR B 286 24.23 -8.21 -28.72
C TYR B 286 23.57 -8.96 -27.58
N THR B 287 24.01 -8.70 -26.35
CA THR B 287 23.41 -9.35 -25.19
C THR B 287 23.10 -8.30 -24.13
N MET B 288 21.88 -8.33 -23.61
CA MET B 288 21.43 -7.35 -22.64
C MET B 288 20.42 -7.94 -21.68
N GLU B 289 20.06 -7.19 -20.65
CA GLU B 289 19.08 -7.66 -19.68
C GLU B 289 17.95 -6.65 -19.49
N ILE B 290 16.71 -7.10 -19.71
CA ILE B 290 15.56 -6.24 -19.52
C ILE B 290 15.00 -6.38 -18.10
N VAL B 291 14.84 -5.26 -17.40
CA VAL B 291 14.28 -5.31 -16.06
C VAL B 291 12.91 -4.63 -15.98
N ALA B 292 12.01 -5.29 -15.27
CA ALA B 292 10.68 -4.77 -15.00
C ALA B 292 10.56 -4.42 -13.52
N THR B 293 10.59 -3.12 -13.24
CA THR B 293 10.47 -2.64 -11.88
C THR B 293 9.03 -2.26 -11.59
N ASP B 294 8.54 -2.67 -10.43
CA ASP B 294 7.20 -2.33 -9.99
C ASP B 294 7.17 -0.88 -9.50
N SER B 295 5.98 -0.30 -9.44
CA SER B 295 5.82 1.07 -8.98
C SER B 295 6.06 1.16 -7.47
N GLY B 296 6.13 -0.01 -6.83
CA GLY B 296 6.44 -0.09 -5.42
C GLY B 296 7.93 -0.26 -5.19
N GLY B 297 8.55 -1.11 -6.00
CA GLY B 297 9.98 -1.32 -5.93
C GLY B 297 10.42 -2.72 -6.30
N LEU B 298 9.46 -3.64 -6.36
CA LEU B 298 9.76 -5.02 -6.71
C LEU B 298 10.17 -5.12 -8.18
N SER B 299 11.13 -6.00 -8.46
CA SER B 299 11.66 -6.08 -9.81
C SER B 299 11.86 -7.52 -10.29
N GLY B 300 11.69 -7.72 -11.59
CA GLY B 300 11.94 -9.01 -12.20
C GLY B 300 12.78 -8.82 -13.45
N LYS B 301 13.76 -9.69 -13.64
CA LYS B 301 14.71 -9.49 -14.73
C LYS B 301 14.72 -10.64 -15.72
N CYS B 302 14.90 -10.31 -16.99
CA CYS B 302 15.04 -11.30 -18.06
C CYS B 302 16.23 -10.98 -18.93
N THR B 303 16.66 -11.94 -19.73
CA THR B 303 17.80 -11.76 -20.64
C THR B 303 17.35 -11.74 -22.10
N VAL B 304 17.85 -10.76 -22.84
CA VAL B 304 17.55 -10.65 -24.27
C VAL B 304 18.83 -10.70 -25.10
N ALA B 305 18.82 -11.59 -26.09
CA ALA B 305 19.97 -11.80 -26.97
C ALA B 305 19.60 -11.57 -28.43
N ILE B 306 20.23 -10.58 -29.04
CA ILE B 306 19.99 -10.23 -30.44
C ILE B 306 21.12 -10.74 -31.31
N GLN B 307 20.79 -11.61 -32.27
CA GLN B 307 21.77 -12.05 -33.25
C GLN B 307 21.51 -11.36 -34.59
N VAL B 308 22.42 -10.49 -34.99
CA VAL B 308 22.26 -9.77 -36.25
C VAL B 308 22.50 -10.70 -37.44
N LEU B 309 21.86 -10.39 -38.56
CA LEU B 309 21.97 -11.22 -39.75
C LEU B 309 22.80 -10.53 -40.83
N ASP B 310 23.77 -11.25 -41.38
CA ASP B 310 24.65 -10.66 -42.37
C ASP B 310 23.97 -10.47 -43.72
N VAL B 311 23.91 -9.23 -44.16
CA VAL B 311 23.39 -8.91 -45.48
C VAL B 311 24.55 -8.61 -46.42
N ASN B 312 24.51 -9.20 -47.61
CA ASN B 312 25.56 -8.99 -48.59
C ASN B 312 25.49 -7.57 -49.17
N ASP B 313 25.91 -6.60 -48.35
CA ASP B 313 25.87 -5.20 -48.75
C ASP B 313 27.22 -4.71 -49.27
N ASN B 314 28.26 -5.53 -49.11
CA ASN B 314 29.60 -5.16 -49.55
C ASN B 314 30.07 -5.97 -50.75
N ALA B 315 30.44 -5.27 -51.81
CA ALA B 315 30.92 -5.90 -53.03
C ALA B 315 32.39 -6.24 -52.90
N PRO B 316 32.82 -7.33 -53.56
CA PRO B 316 34.22 -7.77 -53.60
C PRO B 316 35.19 -6.61 -53.87
N LYS B 317 36.34 -6.66 -53.21
CA LYS B 317 37.36 -5.62 -53.40
C LYS B 317 38.59 -6.21 -54.05
N LEU B 318 39.02 -5.60 -55.15
CA LEU B 318 40.18 -6.07 -55.90
C LEU B 318 41.35 -5.13 -55.71
N THR B 319 42.49 -5.69 -55.30
CA THR B 319 43.69 -4.90 -55.09
C THR B 319 44.87 -5.46 -55.88
N ILE B 320 45.62 -4.58 -56.52
CA ILE B 320 46.77 -4.98 -57.31
C ILE B 320 48.08 -4.88 -56.52
N SER B 321 48.69 -6.03 -56.25
CA SER B 321 49.93 -6.10 -55.48
C SER B 321 51.15 -5.79 -56.34
N SER B 322 51.27 -6.51 -57.45
CA SER B 322 52.37 -6.28 -58.38
C SER B 322 51.89 -6.35 -59.81
N LEU B 323 52.43 -5.46 -60.64
CA LEU B 323 51.98 -5.35 -62.03
C LEU B 323 53.15 -5.02 -62.95
N THR B 324 53.08 -5.49 -64.18
CA THR B 324 54.09 -5.17 -65.17
C THR B 324 53.46 -4.38 -66.31
N SER B 325 53.93 -3.14 -66.49
CA SER B 325 53.33 -2.22 -67.45
C SER B 325 53.41 -2.75 -68.88
N SER B 326 54.55 -3.32 -69.24
CA SER B 326 54.73 -3.88 -70.58
C SER B 326 55.32 -5.29 -70.49
N ILE B 327 54.99 -6.13 -71.46
CA ILE B 327 55.39 -7.53 -71.44
C ILE B 327 56.25 -7.91 -72.65
N PRO B 328 57.33 -8.68 -72.42
CA PRO B 328 58.21 -9.15 -73.50
C PRO B 328 57.48 -9.96 -74.57
N GLU B 329 58.11 -10.10 -75.73
CA GLU B 329 57.49 -10.79 -76.87
C GLU B 329 57.56 -12.31 -76.72
N ASN B 330 58.77 -12.83 -76.54
CA ASN B 330 58.99 -14.27 -76.53
C ASN B 330 59.07 -14.86 -75.12
N ALA B 331 58.51 -14.14 -74.14
CA ALA B 331 58.55 -14.59 -72.75
C ALA B 331 57.62 -15.77 -72.49
N PRO B 332 58.17 -16.87 -71.95
CA PRO B 332 57.42 -18.07 -71.58
C PRO B 332 56.94 -18.05 -70.13
N GLU B 333 55.68 -18.41 -69.89
CA GLU B 333 55.08 -18.40 -68.56
C GLU B 333 55.17 -17.01 -67.92
N ALA B 334 55.00 -15.98 -68.74
CA ALA B 334 55.20 -14.60 -68.29
C ALA B 334 54.11 -14.14 -67.33
N VAL B 335 54.51 -13.44 -66.27
CA VAL B 335 53.55 -12.96 -65.28
C VAL B 335 53.14 -11.51 -65.57
N VAL B 336 51.86 -11.31 -65.88
CA VAL B 336 51.36 -9.97 -66.19
C VAL B 336 51.14 -9.16 -64.92
N ALA B 337 50.45 -9.76 -63.95
CA ALA B 337 50.12 -9.06 -62.71
C ALA B 337 49.81 -10.03 -61.57
N VAL B 338 49.96 -9.55 -60.34
CA VAL B 338 49.59 -10.30 -59.15
C VAL B 338 48.57 -9.53 -58.34
N PHE B 339 47.38 -10.09 -58.19
CA PHE B 339 46.29 -9.38 -57.52
C PHE B 339 45.66 -10.21 -56.42
N SER B 340 44.83 -9.55 -55.61
CA SER B 340 44.12 -10.23 -54.53
C SER B 340 42.71 -9.69 -54.41
N VAL B 341 41.82 -10.52 -53.85
CA VAL B 341 40.45 -10.12 -53.61
C VAL B 341 40.10 -10.26 -52.12
N SER B 342 39.27 -9.35 -51.63
CA SER B 342 38.84 -9.37 -50.24
C SER B 342 37.36 -9.03 -50.12
N ASP B 343 36.66 -9.73 -49.24
CA ASP B 343 35.25 -9.48 -49.01
C ASP B 343 34.93 -9.51 -47.52
N PRO B 344 34.53 -8.35 -46.96
CA PRO B 344 34.27 -8.20 -45.52
C PRO B 344 33.03 -8.96 -45.04
N ASP B 345 32.08 -9.23 -45.93
CA ASP B 345 30.87 -9.96 -45.56
C ASP B 345 31.18 -11.38 -45.09
N SER B 346 30.23 -11.99 -44.40
CA SER B 346 30.42 -13.32 -43.85
C SER B 346 29.68 -14.38 -44.67
N GLY B 347 30.00 -15.64 -44.41
CA GLY B 347 29.39 -16.77 -45.09
C GLY B 347 29.81 -16.88 -46.54
N ASP B 348 28.88 -17.32 -47.39
CA ASP B 348 29.15 -17.43 -48.83
C ASP B 348 28.99 -16.06 -49.49
N ASN B 349 28.58 -15.07 -48.71
CA ASN B 349 28.48 -13.71 -49.20
C ASN B 349 29.87 -13.09 -49.30
N GLY B 350 30.81 -13.69 -48.58
CA GLY B 350 32.18 -13.20 -48.56
C GLY B 350 33.12 -14.10 -49.34
N ARG B 351 32.57 -15.16 -49.92
CA ARG B 351 33.34 -16.05 -50.78
C ARG B 351 33.25 -15.52 -52.21
N MET B 352 34.39 -15.42 -52.89
CA MET B 352 34.44 -14.79 -54.20
C MET B 352 34.95 -15.69 -55.32
N VAL B 353 34.44 -15.47 -56.52
CA VAL B 353 34.96 -16.12 -57.72
C VAL B 353 35.18 -15.07 -58.81
N CYS B 354 36.35 -15.11 -59.43
CA CYS B 354 36.70 -14.14 -60.46
C CYS B 354 36.91 -14.80 -61.82
N SER B 355 36.51 -14.09 -62.88
CA SER B 355 36.56 -14.66 -64.22
C SER B 355 37.21 -13.73 -65.24
N ILE B 356 37.76 -14.34 -66.28
CA ILE B 356 38.37 -13.63 -67.39
C ILE B 356 37.92 -14.29 -68.69
N GLN B 357 38.01 -13.56 -69.80
CA GLN B 357 37.66 -14.10 -71.12
C GLN B 357 38.52 -15.31 -71.46
N ASN B 358 37.86 -16.44 -71.70
CA ASN B 358 38.54 -17.70 -71.98
C ASN B 358 39.28 -17.70 -73.31
N GLU B 359 38.79 -16.90 -74.26
CA GLU B 359 39.40 -16.79 -75.58
C GLU B 359 40.84 -16.27 -75.48
N LEU B 360 41.10 -15.42 -74.50
CA LEU B 360 42.44 -14.86 -74.30
C LEU B 360 43.45 -15.95 -73.89
N PRO B 361 44.70 -15.82 -74.38
CA PRO B 361 45.79 -16.75 -74.08
C PRO B 361 46.16 -16.78 -72.61
N PHE B 362 45.91 -15.67 -71.91
CA PHE B 362 46.23 -15.54 -70.50
C PHE B 362 45.35 -16.43 -69.63
N LEU B 363 45.92 -16.92 -68.54
CA LEU B 363 45.15 -17.66 -67.54
C LEU B 363 45.61 -17.29 -66.15
N LEU B 364 44.67 -17.18 -65.21
CA LEU B 364 45.02 -16.89 -63.83
C LEU B 364 45.15 -18.19 -63.04
N LYS B 365 46.23 -18.30 -62.27
CA LYS B 365 46.47 -19.49 -61.46
C LYS B 365 46.20 -19.20 -59.99
N PRO B 366 45.38 -20.05 -59.35
CA PRO B 366 45.06 -19.86 -57.95
C PRO B 366 46.25 -20.22 -57.06
N THR B 367 46.95 -19.20 -56.60
CA THR B 367 48.15 -19.40 -55.80
C THR B 367 47.81 -19.60 -54.32
N PHE B 368 47.24 -18.59 -53.69
CA PHE B 368 46.91 -18.67 -52.26
C PHE B 368 45.46 -18.33 -51.97
N GLU B 369 45.12 -18.26 -50.69
CA GLU B 369 43.77 -17.91 -50.25
C GLU B 369 43.36 -16.55 -50.79
N ASN B 370 42.45 -16.57 -51.77
CA ASN B 370 41.99 -15.36 -52.45
C ASN B 370 43.16 -14.58 -53.06
N TYR B 371 44.21 -15.32 -53.41
CA TYR B 371 45.38 -14.74 -54.06
C TYR B 371 45.65 -15.42 -55.40
N TYR B 372 45.57 -14.63 -56.47
CA TYR B 372 45.71 -15.16 -57.83
C TYR B 372 46.75 -14.39 -58.62
N THR B 373 47.34 -15.04 -59.61
CA THR B 373 48.29 -14.38 -60.49
C THR B 373 47.91 -14.53 -61.97
N LEU B 374 47.72 -13.39 -62.64
CA LEU B 374 47.45 -13.40 -64.07
C LEU B 374 48.72 -13.59 -64.86
N ALA B 375 48.74 -14.60 -65.72
CA ALA B 375 49.94 -14.90 -66.49
C ALA B 375 49.63 -15.51 -67.85
N ALA B 376 50.54 -15.33 -68.80
CA ALA B 376 50.45 -15.94 -70.12
C ALA B 376 51.30 -17.22 -70.15
N GLU B 377 50.68 -18.30 -70.62
CA GLU B 377 51.31 -19.62 -70.67
C GLU B 377 52.02 -19.90 -71.99
N GLY B 378 53.33 -19.95 -71.97
CA GLY B 378 54.11 -20.18 -73.18
C GLY B 378 54.44 -18.90 -73.93
N PRO B 379 55.30 -19.01 -74.95
CA PRO B 379 55.71 -17.86 -75.77
C PRO B 379 54.55 -17.15 -76.47
N LEU B 380 54.71 -15.85 -76.68
CA LEU B 380 53.71 -15.01 -77.33
C LEU B 380 54.24 -14.46 -78.65
N ASP B 381 53.34 -13.94 -79.48
CA ASP B 381 53.74 -13.35 -80.75
C ASP B 381 53.51 -11.84 -80.74
N ARG B 382 54.50 -11.09 -81.17
CA ARG B 382 54.42 -9.63 -81.20
C ARG B 382 53.50 -9.15 -82.33
N GLU B 383 53.68 -9.74 -83.51
CA GLU B 383 52.92 -9.35 -84.69
C GLU B 383 51.43 -9.64 -84.55
N ILE B 384 51.12 -10.80 -83.98
CA ILE B 384 49.74 -11.26 -83.84
C ILE B 384 48.89 -10.32 -82.99
N ARG B 385 49.43 -9.91 -81.87
CA ARG B 385 48.70 -9.00 -80.98
C ARG B 385 49.55 -7.77 -80.64
N GLU B 386 49.11 -6.62 -81.12
CA GLU B 386 49.80 -5.36 -80.82
C GLU B 386 49.61 -4.98 -79.35
N GLU B 387 48.42 -5.22 -78.83
CA GLU B 387 48.09 -4.90 -77.44
C GLU B 387 46.98 -5.78 -76.89
N TYR B 388 46.80 -5.73 -75.57
CA TYR B 388 45.69 -6.45 -74.94
C TYR B 388 44.97 -5.57 -73.93
N ASN B 389 43.66 -5.42 -74.12
CA ASN B 389 42.81 -4.80 -73.11
C ASN B 389 42.17 -5.90 -72.27
N ILE B 390 42.64 -6.05 -71.04
CA ILE B 390 42.16 -7.12 -70.17
C ILE B 390 41.29 -6.59 -69.04
N THR B 391 40.14 -7.23 -68.85
CA THR B 391 39.23 -6.87 -67.78
C THR B 391 38.78 -8.10 -67.00
N ILE B 392 39.26 -8.23 -65.77
CA ILE B 392 38.89 -9.33 -64.88
C ILE B 392 37.68 -8.96 -64.02
N ILE B 393 36.68 -9.83 -63.98
CA ILE B 393 35.47 -9.52 -63.23
C ILE B 393 35.23 -10.48 -62.06
N VAL B 394 35.27 -9.95 -60.85
CA VAL B 394 35.09 -10.75 -59.62
C VAL B 394 33.71 -10.54 -59.00
N SER B 395 33.07 -11.65 -58.60
CA SER B 395 31.75 -11.59 -58.00
C SER B 395 31.64 -12.57 -56.83
N ASP B 396 30.90 -12.16 -55.80
CA ASP B 396 30.70 -13.02 -54.63
C ASP B 396 29.60 -14.05 -54.85
N LEU B 397 29.44 -14.94 -53.87
CA LEU B 397 28.43 -15.99 -53.95
C LEU B 397 27.26 -15.68 -53.04
N GLY B 398 27.05 -14.40 -52.76
CA GLY B 398 25.98 -13.98 -51.88
C GLY B 398 24.65 -13.84 -52.59
N THR B 399 23.64 -13.41 -51.87
CA THR B 399 22.31 -13.21 -52.43
C THR B 399 21.76 -11.83 -52.08
N PRO B 400 21.69 -10.92 -53.07
CA PRO B 400 22.09 -11.13 -54.46
C PRO B 400 23.60 -11.13 -54.66
N ARG B 401 24.04 -11.40 -55.88
CA ARG B 401 25.47 -11.44 -56.20
C ARG B 401 25.98 -10.06 -56.60
N LEU B 402 27.03 -9.62 -55.93
CA LEU B 402 27.63 -8.31 -56.21
C LEU B 402 28.89 -8.47 -57.07
N THR B 403 29.02 -7.62 -58.07
CA THR B 403 30.13 -7.74 -59.01
C THR B 403 31.02 -6.51 -59.03
N THR B 404 32.30 -6.73 -59.31
CA THR B 404 33.29 -5.66 -59.40
C THR B 404 34.28 -5.96 -60.51
N GLN B 405 34.68 -4.93 -61.26
CA GLN B 405 35.57 -5.11 -62.38
C GLN B 405 36.66 -4.04 -62.40
N HIS B 406 37.86 -4.45 -62.78
CA HIS B 406 38.99 -3.53 -62.92
C HIS B 406 39.61 -3.72 -64.30
N THR B 407 39.92 -2.62 -64.97
CA THR B 407 40.47 -2.69 -66.32
C THR B 407 41.96 -2.38 -66.36
N ILE B 408 42.71 -3.26 -67.03
CA ILE B 408 44.14 -3.06 -67.20
C ILE B 408 44.54 -3.33 -68.65
N THR B 409 45.41 -2.47 -69.19
CA THR B 409 45.86 -2.63 -70.58
C THR B 409 47.33 -3.00 -70.64
N VAL B 410 47.63 -4.19 -71.16
CA VAL B 410 48.99 -4.66 -71.24
C VAL B 410 49.50 -4.61 -72.69
N GLN B 411 50.64 -3.97 -72.87
CA GLN B 411 51.26 -3.85 -74.19
C GLN B 411 52.46 -4.78 -74.33
N VAL B 412 52.33 -5.80 -75.19
CA VAL B 412 53.42 -6.72 -75.44
C VAL B 412 54.46 -6.12 -76.38
C1 NAG C . 37.23 -0.75 -4.84
C2 NAG C . 38.08 -1.83 -4.21
C3 NAG C . 37.71 -2.00 -2.74
C4 NAG C . 37.69 -0.67 -2.00
C5 NAG C . 36.95 0.41 -2.79
C6 NAG C . 37.16 1.80 -2.22
C7 NAG C . 38.94 -3.61 -5.67
C8 NAG C . 40.20 -2.81 -5.74
N2 NAG C . 37.96 -3.08 -4.93
O3 NAG C . 38.63 -2.90 -2.12
O4 NAG C . 36.97 -0.87 -0.78
O5 NAG C . 37.40 0.46 -4.15
O6 NAG C . 38.07 2.55 -3.01
O7 NAG C . 38.81 -4.67 -6.27
C1 NAG C . 37.62 -0.50 0.46
C2 NAG C . 37.81 -1.70 1.36
C3 NAG C . 38.20 -1.25 2.76
C4 NAG C . 39.37 -0.27 2.72
C5 NAG C . 39.18 0.81 1.65
C6 NAG C . 40.42 1.65 1.42
C7 NAG C . 36.42 -3.61 0.67
C8 NAG C . 35.11 -4.31 0.84
N2 NAG C . 36.59 -2.50 1.40
O3 NAG C . 38.54 -2.38 3.54
O4 NAG C . 39.46 0.36 3.99
O5 NAG C . 38.83 0.22 0.39
O6 NAG C . 40.49 2.72 2.35
O7 NAG C . 37.29 -4.03 -0.09
C1 BMA C . 40.73 0.21 4.67
C2 BMA C . 41.01 1.53 5.42
C3 BMA C . 42.25 1.40 6.32
C4 BMA C . 42.19 0.13 7.18
C5 BMA C . 42.02 -1.08 6.25
C6 BMA C . 42.00 -2.39 7.01
O2 BMA C . 39.92 1.86 6.28
O3 BMA C . 42.40 2.53 7.17
O4 BMA C . 43.39 -0.01 7.92
O5 BMA C . 40.77 -0.92 5.53
O6 BMA C . 42.76 -3.32 6.25
C1 MAN C . 43.18 -4.41 7.07
C2 MAN C . 44.61 -4.15 7.56
C3 MAN C . 45.60 -4.27 6.39
C4 MAN C . 45.36 -5.57 5.58
C5 MAN C . 43.88 -5.70 5.18
C6 MAN C . 43.54 -7.00 4.48
O2 MAN C . 45.02 -5.12 8.52
O3 MAN C . 46.95 -4.20 6.83
O4 MAN C . 46.16 -5.56 4.41
O5 MAN C . 43.07 -5.62 6.38
O6 MAN C . 44.28 -7.07 3.28
C1 FUC C . 38.74 3.52 -2.18
C2 FUC C . 40.27 3.33 -2.28
C3 FUC C . 40.79 3.76 -3.66
C4 FUC C . 40.35 5.20 -3.96
C5 FUC C . 38.82 5.34 -3.79
C6 FUC C . 38.33 6.78 -3.89
O2 FUC C . 40.67 1.98 -2.00
O3 FUC C . 42.22 3.73 -3.68
O4 FUC C . 41.02 6.11 -3.09
O5 FUC C . 38.37 4.84 -2.50
C1 NAG D . -58.28 31.80 47.03
C2 NAG D . -59.04 32.31 45.79
C3 NAG D . -58.08 32.46 44.60
C4 NAG D . -56.87 33.29 44.99
C5 NAG D . -56.20 32.65 46.19
C6 NAG D . -54.98 33.39 46.68
C7 NAG D . -61.17 31.78 44.69
C8 NAG D . -62.20 30.71 44.45
N2 NAG D . -60.13 31.41 45.45
O3 NAG D . -58.75 33.07 43.50
O4 NAG D . -55.94 33.38 43.90
O5 NAG D . -57.14 32.63 47.28
O6 NAG D . -55.25 34.78 46.82
O7 NAG D . -61.28 32.90 44.22
C1 NAG D . -55.82 34.75 43.47
C2 NAG D . -54.37 35.02 43.02
C3 NAG D . -54.23 36.47 42.54
C4 NAG D . -55.28 36.80 41.50
C5 NAG D . -56.67 36.47 42.04
C6 NAG D . -57.77 36.69 41.02
C7 NAG D . -52.13 34.52 43.90
C8 NAG D . -51.31 34.25 45.12
N2 NAG D . -53.43 34.74 44.09
O3 NAG D . -52.92 36.67 42.01
O4 NAG D . -55.20 38.18 41.15
O5 NAG D . -56.72 35.09 42.41
O6 NAG D . -57.43 36.15 39.76
O7 NAG D . -51.63 34.55 42.78
C1 BMA D . -54.93 38.33 39.75
C2 BMA D . -54.48 39.76 39.43
C3 BMA D . -54.25 39.90 37.92
C4 BMA D . -53.35 38.78 37.38
C5 BMA D . -53.91 37.41 37.80
C6 BMA D . -53.06 36.23 37.33
O2 BMA D . -53.24 40.06 40.06
O3 BMA D . -53.72 41.18 37.58
O4 BMA D . -53.29 38.86 35.96
O5 BMA D . -54.01 37.37 39.24
O6 BMA D . -51.89 36.13 38.16
C1 MAN D . -51.07 35.05 37.66
C2 MAN D . -51.46 33.71 38.35
C3 MAN D . -50.81 33.59 39.73
C4 MAN D . -49.31 33.92 39.67
C5 MAN D . -49.11 35.31 39.04
C6 MAN D . -47.64 35.68 38.89
O2 MAN D . -51.01 32.58 37.60
O3 MAN D . -51.00 32.30 40.30
O4 MAN D . -48.76 33.92 40.98
O5 MAN D . -49.69 35.33 37.73
O6 MAN D . -47.56 36.98 38.31
C1 FUC D . -54.58 35.25 48.01
C2 FUC D . -54.48 36.76 47.94
C3 FUC D . -55.87 37.39 48.07
C4 FUC D . -56.54 36.91 49.38
C5 FUC D . -56.54 35.38 49.45
C6 FUC D . -56.96 34.84 50.81
O2 FUC D . -53.82 37.21 46.76
O3 FUC D . -55.79 38.81 48.10
O4 FUC D . -55.87 37.45 50.51
O5 FUC D . -55.22 34.82 49.18
C1 NAG E . -20.41 -19.71 23.25
C2 NAG E . -19.54 -20.10 24.45
C3 NAG E . -18.70 -21.34 24.13
C4 NAG E . -19.57 -22.46 23.60
C5 NAG E . -20.36 -21.97 22.39
C6 NAG E . -21.32 -23.00 21.84
C7 NAG E . -18.65 -18.54 26.12
C8 NAG E . -17.70 -17.39 26.36
N2 NAG E . -18.69 -19.00 24.86
O3 NAG E . -18.02 -21.76 25.31
O4 NAG E . -18.83 -23.64 23.26
O5 NAG E . -21.15 -20.84 22.79
O6 NAG E . -21.39 -22.94 20.43
O7 NAG E . -19.34 -19.02 27.01
C1 NAG E . -17.51 -23.40 22.71
C2 NAG E . -16.45 -24.05 23.60
C3 NAG E . -15.94 -25.34 22.98
C4 NAG E . -17.07 -26.06 22.25
C5 NAG E . -17.54 -25.22 21.07
C6 NAG E . -19.01 -25.40 20.74
C7 NAG E . -14.92 -22.82 25.08
C8 NAG E . -13.77 -21.85 25.14
N2 NAG E . -15.34 -23.14 23.85
O3 NAG E . -15.41 -26.18 23.99
O4 NAG E . -16.64 -27.33 21.80
O5 NAG E . -17.33 -23.82 21.32
O6 NAG E . -19.20 -25.82 19.41
O7 NAG E . -15.43 -23.29 26.08
C1 MAN F . 39.03 9.39 -10.88
C2 MAN F . 39.49 8.43 -9.76
C3 MAN F . 38.67 8.68 -8.48
C4 MAN F . 38.71 10.17 -8.10
C5 MAN F . 38.18 11.01 -9.27
C6 MAN F . 38.26 12.51 -9.00
O2 MAN F . 40.86 8.66 -9.40
O3 MAN F . 39.13 7.88 -7.39
O4 MAN F . 37.89 10.39 -6.96
O5 MAN F . 38.97 10.75 -10.46
O6 MAN F . 37.88 13.19 -10.20
CA CA G . 41.82 4.29 -29.20
CA CA H . 42.34 1.30 -25.99
CA CA I . 39.42 2.55 -19.95
CA CA J . 7.65 4.03 9.05
CA CA K . 4.98 5.03 5.76
CA CA L . -1.71 4.72 8.59
CA CA M . -36.32 16.42 30.87
CA CA N . -34.53 18.27 33.66
CA CA O . -38.23 20.99 38.73
C1 MAN P . -30.97 -18.27 18.22
C2 MAN P . -30.16 -19.51 18.61
C3 MAN P . -29.58 -20.17 17.34
C4 MAN P . -30.67 -20.41 16.30
C5 MAN P . -31.35 -19.09 15.95
C6 MAN P . -32.50 -19.22 14.97
O2 MAN P . -30.98 -20.50 19.24
O3 MAN P . -28.89 -21.38 17.64
O4 MAN P . -30.10 -20.96 15.12
O5 MAN P . -31.89 -18.50 17.16
O6 MAN P . -33.04 -17.92 14.73
C1 MAN Q . -29.11 -12.89 10.78
C2 MAN Q . -29.90 -11.82 9.98
C3 MAN Q . -31.22 -12.41 9.47
C4 MAN Q . -30.98 -13.74 8.73
C5 MAN Q . -30.22 -14.72 9.64
C6 MAN Q . -29.86 -16.03 8.95
O2 MAN Q . -29.19 -11.40 8.82
O3 MAN Q . -31.92 -11.49 8.64
O4 MAN Q . -32.22 -14.31 8.35
O5 MAN Q . -28.98 -14.11 10.08
O6 MAN Q . -29.15 -16.85 9.86
CA CA R . -40.00 -5.78 28.95
CA CA S . -36.56 -8.10 30.74
CA CA T . -32.35 -10.59 26.45
CA CA U . 0.16 -12.18 -1.52
CA CA V . -1.10 -8.50 -3.13
CA CA W . 3.81 -6.16 -7.56
CA CA X . 27.31 -4.16 -43.14
CA CA Y . 27.26 -7.45 -44.37
CA CA Z . 30.05 -9.65 -50.20
#